data_3SFE
#
_entry.id   3SFE
#
_cell.length_a   70.710
_cell.length_b   83.420
_cell.length_c   294.010
_cell.angle_alpha   90.00
_cell.angle_beta   90.00
_cell.angle_gamma   90.00
#
_symmetry.space_group_name_H-M   'P 21 21 21'
#
loop_
_entity.id
_entity.type
_entity.pdbx_description
1 polymer 'Succinate dehydrogenase [ubiquinone] flavoprotein subunit, mitochondrial'
2 polymer 'Succinate dehydrogenase [ubiquinone] iron-sulfur subunit, mitochondrial'
3 polymer 'Succinate dehydrogenase cytochrome b560 subunit, mitochondrial'
4 polymer 'Succinate dehydrogenase [ubiquinone] cytochrome b small subunit, mitochondrial'
5 non-polymer 'FLAVIN-ADENINE DINUCLEOTIDE'
6 non-polymer 'OXALOACETATE ION'
7 non-polymer 'FE2/S2 (INORGANIC) CLUSTER'
8 non-polymer 'IRON/SULFUR CLUSTER'
9 non-polymer 'FE3-S4 CLUSTER'
10 non-polymer 'PROTOPORPHYRIN IX CONTAINING FE'
11 non-polymer 2-(1,3-THIAZOL-4-YL)-1H-BENZIMIDAZOLE
12 water water
#
loop_
_entity_poly.entity_id
_entity_poly.type
_entity_poly.pdbx_seq_one_letter_code
_entity_poly.pdbx_strand_id
1 'polypeptide(L)'
;SSAKVSDAISTQYPVVDHEFDAVVVGAGGAGLRAAFGLSEAGFNTACVTKLFPTRSHTVAAQGGINAALGNMEEDNWRWH
FYDTVKGSDWLGDQDAIHYMTEQAPASVVELENYGMPFSRTEDGKIYQRAFGGQSLKFGKGGQAHRCCCVADRTGHSLLH
TLYGRSLRYDTSYFVEYFALDLLMENGECRGVIALCIEDGSIHRIRARNTVVATGGYGRTYFSCTSAHTSTGDGTAMVTR
AGLPCQDLEFVQFHPTGIYGAGCLITEGCRGEGGILINSQGERFMERYAPVAKDLASRDVVSRSMTLEIREGRGCGPEKD
HVYLQLHHLPPEQLAVRLPGISETAMIFAGVDVTKEPIPVLPTVHYNMGGIPTNYKGQVLRHVNGQDQVVPGLYACGEAA
CASVHGANRLGANSLLDLVVFGRACALSIAESCRPGDKVPSIKPNAGEESVMNLDKLRFANGTIRTSELRLSMQKSMQSH
AAVFRVGSVLQEGCEKILRLYGDLQHLKTFDRGMVWNTDLVETLELQNLMLCALQTIYGAEARKESRGAHAREDFKERVD
EYDYSKPIQGQQKKPFQEHWRKHTLSYVDVKTGKVSLEYRPVIDKTLNEADCATVPPAIRSY
;
A
2 'polypeptide(L)'
;AQTAAATAPRIKKFAIYRWDPDKTGDKPHMQTYEIDLNNCGPMVLDALIKIKNEIDSTLTFRRSCREGICGSCAMNINGG
NTLACTRRIDTNLDKVSKIYPLPHMYVIKDLVPDLSNFYAQYKSIEPYLKKKDESQEGKQQYLQSIEEREKLDGLYECIL
CACCSTSCPSYWWNGDKYLGPAVLMQAYRWMIDSRDDFTEERLAKLQDPFSLYRCHTIMNCTGTCPKGLNPGKAIAEIKK
MMATYKEKKASV
;
B
3 'polypeptide(L)'
;LGTTAKEEMERFWNKNLGSNRPLSPHITIYRWSLPMAMSICHRGTGIALSAGVSLFGLSALLLPGNFESHLELVKSLCLG
PTLIYTAKFGIVFPLMYHTWNGIRHLIWDLGKGLTIPQLTQSGVVVLILTVLSSVGLAAM
;
C
4 'polypeptide(L)'
;ASSKAASLHWTGERVVSVLLLGLLPAAYLNPCSAMDYSLAAALTLHGHWGIGQVVTDYVRGDALQKAAKAGLLALSAFTF
AGLCYFNYHDVGICKAVAMLWKL
;
D
#
# COMPACT_ATOMS: atom_id res chain seq x y z
N SER A 10 34.40 -6.25 -11.83
CA SER A 10 34.87 -7.61 -12.24
C SER A 10 34.35 -8.69 -11.27
N THR A 11 35.22 -9.16 -10.37
CA THR A 11 34.78 -9.91 -9.17
C THR A 11 34.73 -8.91 -8.01
N GLN A 12 34.48 -7.66 -8.38
CA GLN A 12 34.19 -6.56 -7.46
C GLN A 12 32.95 -6.86 -6.62
N TYR A 13 32.03 -7.66 -7.18
CA TYR A 13 30.77 -8.02 -6.53
C TYR A 13 30.88 -9.33 -5.76
N PRO A 14 30.46 -9.32 -4.48
CA PRO A 14 30.43 -10.56 -3.70
C PRO A 14 29.18 -11.39 -4.01
N VAL A 15 29.39 -12.61 -4.49
CA VAL A 15 28.28 -13.53 -4.77
C VAL A 15 27.88 -14.33 -3.54
N VAL A 16 26.61 -14.22 -3.15
CA VAL A 16 26.05 -15.01 -2.07
C VAL A 16 25.08 -16.03 -2.66
N ASP A 17 25.30 -17.30 -2.35
CA ASP A 17 24.50 -18.40 -2.89
C ASP A 17 23.47 -18.90 -1.89
N HIS A 18 22.27 -19.19 -2.40
CA HIS A 18 21.17 -19.67 -1.56
C HIS A 18 20.57 -20.96 -2.11
N GLU A 19 20.03 -21.78 -1.22
CA GLU A 19 19.46 -23.07 -1.58
C GLU A 19 18.03 -23.24 -1.05
N PHE A 20 17.10 -23.59 -1.95
CA PHE A 20 15.68 -23.76 -1.60
C PHE A 20 15.02 -24.91 -2.37
N ASP A 21 13.77 -25.21 -2.02
CA ASP A 21 12.97 -26.15 -2.79
C ASP A 21 12.31 -25.41 -3.96
N ALA A 22 11.91 -24.17 -3.73
CA ALA A 22 11.28 -23.34 -4.75
C ALA A 22 11.61 -21.86 -4.59
N VAL A 23 11.46 -21.12 -5.68
CA VAL A 23 11.62 -19.67 -5.67
C VAL A 23 10.45 -19.05 -6.41
N VAL A 24 9.79 -18.08 -5.78
CA VAL A 24 8.74 -17.33 -6.44
C VAL A 24 9.24 -15.93 -6.72
N VAL A 25 9.18 -15.51 -7.97
CA VAL A 25 9.54 -14.13 -8.32
C VAL A 25 8.27 -13.32 -8.52
N GLY A 26 7.97 -12.52 -7.50
CA GLY A 26 6.72 -11.76 -7.44
C GLY A 26 6.10 -11.80 -6.06
N ALA A 27 5.48 -10.70 -5.67
CA ALA A 27 4.75 -10.66 -4.42
C ALA A 27 3.40 -9.97 -4.61
N GLY A 28 2.95 -9.91 -5.87
CA GLY A 28 1.58 -9.52 -6.18
C GLY A 28 0.66 -10.65 -5.75
N GLY A 29 -0.63 -10.51 -6.08
CA GLY A 29 -1.61 -11.57 -5.83
C GLY A 29 -1.05 -12.94 -6.19
N ALA A 30 -0.72 -13.10 -7.47
CA ALA A 30 -0.17 -14.35 -7.95
C ALA A 30 1.04 -14.78 -7.14
N GLY A 31 2.04 -13.91 -7.05
CA GLY A 31 3.29 -14.22 -6.34
C GLY A 31 3.05 -14.82 -4.97
N LEU A 32 2.35 -14.07 -4.12
CA LEU A 32 2.07 -14.48 -2.74
C LEU A 32 1.30 -15.79 -2.64
N ARG A 33 0.21 -15.91 -3.40
CA ARG A 33 -0.62 -17.12 -3.37
C ARG A 33 0.22 -18.36 -3.68
N ALA A 34 1.07 -18.23 -4.70
CA ALA A 34 2.03 -19.27 -5.06
C ALA A 34 3.05 -19.54 -3.95
N ALA A 35 3.57 -18.44 -3.39
CA ALA A 35 4.62 -18.46 -2.38
C ALA A 35 4.24 -19.30 -1.17
N PHE A 36 3.22 -18.85 -0.42
CA PHE A 36 2.78 -19.58 0.77
C PHE A 36 2.02 -20.87 0.44
N GLY A 37 1.46 -20.94 -0.77
CA GLY A 37 0.87 -22.17 -1.29
C GLY A 37 1.89 -23.29 -1.22
N LEU A 38 3.12 -22.98 -1.63
CA LEU A 38 4.25 -23.91 -1.54
C LEU A 38 4.64 -24.21 -0.10
N SER A 39 4.76 -23.16 0.72
CA SER A 39 5.07 -23.33 2.14
C SER A 39 4.05 -24.25 2.81
N GLU A 40 2.77 -23.99 2.54
CA GLU A 40 1.67 -24.75 3.12
C GLU A 40 1.77 -26.23 2.76
N ALA A 41 2.23 -26.51 1.54
CA ALA A 41 2.47 -27.88 1.09
C ALA A 41 3.80 -28.47 1.61
N GLY A 42 4.49 -27.72 2.48
CA GLY A 42 5.71 -28.21 3.13
C GLY A 42 7.00 -27.95 2.37
N PHE A 43 6.99 -26.96 1.49
CA PHE A 43 8.16 -26.64 0.68
C PHE A 43 8.94 -25.46 1.25
N ASN A 44 10.23 -25.71 1.47
CA ASN A 44 11.20 -24.66 1.84
C ASN A 44 11.32 -23.65 0.69
N THR A 45 10.60 -22.53 0.83
CA THR A 45 10.32 -21.62 -0.27
C THR A 45 10.97 -20.25 -0.10
N ALA A 46 11.57 -19.73 -1.17
CA ALA A 46 12.02 -18.36 -1.19
C ALA A 46 11.10 -17.54 -2.07
N CYS A 47 10.81 -16.30 -1.66
CA CYS A 47 10.07 -15.39 -2.50
C CYS A 47 10.89 -14.12 -2.73
N VAL A 48 11.00 -13.72 -4.00
CA VAL A 48 11.86 -12.60 -4.38
C VAL A 48 11.02 -11.49 -5.00
N THR A 49 11.13 -10.29 -4.44
CA THR A 49 10.31 -9.17 -4.87
C THR A 49 11.07 -7.87 -4.71
N LYS A 50 10.99 -7.01 -5.74
CA LYS A 50 11.71 -5.74 -5.75
C LYS A 50 11.00 -4.67 -4.91
N LEU A 51 9.68 -4.78 -4.83
CA LEU A 51 8.86 -3.95 -3.97
C LEU A 51 8.60 -4.66 -2.64
N PHE A 52 8.12 -3.91 -1.64
CA PHE A 52 7.49 -4.55 -0.49
C PHE A 52 6.15 -5.14 -0.96
N PRO A 53 5.85 -6.40 -0.60
CA PRO A 53 4.67 -7.09 -1.15
C PRO A 53 3.43 -6.21 -1.29
N THR A 54 3.15 -5.40 -0.28
CA THR A 54 1.98 -4.50 -0.28
C THR A 54 1.96 -3.47 -1.41
N ARG A 55 3.16 -3.07 -1.85
CA ARG A 55 3.33 -2.03 -2.87
C ARG A 55 3.03 -2.54 -4.28
N SER A 56 2.95 -3.86 -4.43
CA SER A 56 2.72 -4.53 -5.72
C SER A 56 1.50 -3.97 -6.40
N HIS A 57 1.46 -4.07 -7.72
CA HIS A 57 0.40 -3.42 -8.47
C HIS A 57 -1.03 -3.84 -8.14
N THR A 58 -1.23 -5.11 -7.77
CA THR A 58 -2.58 -5.62 -7.47
C THR A 58 -3.30 -4.71 -6.45
N VAL A 59 -2.51 -4.08 -5.56
CA VAL A 59 -3.04 -3.20 -4.53
C VAL A 59 -3.91 -2.06 -5.11
N ALA A 60 -3.57 -1.65 -6.33
CA ALA A 60 -4.30 -0.59 -7.03
C ALA A 60 -5.67 -1.06 -7.52
N ALA A 61 -5.81 -2.37 -7.71
CA ALA A 61 -7.03 -2.95 -8.29
C ALA A 61 -8.32 -2.59 -7.53
N GLN A 62 -9.34 -2.24 -8.30
CA GLN A 62 -10.52 -1.58 -7.76
C GLN A 62 -11.78 -2.44 -7.90
N GLY A 63 -12.19 -2.64 -9.15
CA GLY A 63 -13.46 -3.28 -9.51
C GLY A 63 -13.86 -4.46 -8.65
N GLY A 64 -13.17 -5.58 -8.84
CA GLY A 64 -13.47 -6.80 -8.10
C GLY A 64 -12.87 -8.08 -8.66
N ILE A 65 -13.41 -9.21 -8.19
CA ILE A 65 -12.87 -10.53 -8.47
C ILE A 65 -14.03 -11.48 -8.81
N ASN A 66 -14.02 -12.03 -10.02
CA ASN A 66 -15.14 -12.86 -10.51
C ASN A 66 -15.22 -14.29 -9.95
N ALA A 67 -16.41 -14.64 -9.45
CA ALA A 67 -16.74 -16.03 -9.12
C ALA A 67 -18.24 -16.23 -9.30
N ALA A 68 -18.63 -17.39 -9.82
CA ALA A 68 -20.04 -17.67 -10.05
C ALA A 68 -20.73 -18.18 -8.79
N LEU A 69 -20.64 -17.39 -7.72
CA LEU A 69 -21.14 -17.78 -6.41
C LEU A 69 -22.66 -17.75 -6.27
N GLY A 70 -23.31 -16.96 -7.12
CA GLY A 70 -24.77 -16.86 -7.13
C GLY A 70 -25.34 -16.29 -5.85
N ASN A 71 -24.84 -15.10 -5.47
CA ASN A 71 -25.31 -14.41 -4.29
C ASN A 71 -26.37 -13.37 -4.66
N MET A 72 -26.26 -12.82 -5.86
CA MET A 72 -27.21 -11.83 -6.35
C MET A 72 -28.42 -12.51 -6.98
N GLU A 73 -28.14 -13.38 -7.94
CA GLU A 73 -29.14 -14.18 -8.62
C GLU A 73 -28.67 -15.63 -8.50
N GLU A 74 -29.18 -16.52 -9.35
CA GLU A 74 -28.61 -17.85 -9.48
C GLU A 74 -27.70 -17.95 -10.69
N ASP A 75 -26.59 -18.67 -10.52
CA ASP A 75 -25.49 -18.62 -11.47
C ASP A 75 -24.98 -20.02 -11.79
N ASN A 76 -24.18 -20.12 -12.85
CA ASN A 76 -23.46 -21.34 -13.17
C ASN A 76 -22.06 -20.93 -13.57
N TRP A 77 -21.04 -21.54 -12.98
CA TRP A 77 -19.66 -21.21 -13.34
C TRP A 77 -19.44 -21.41 -14.84
N ARG A 78 -20.25 -22.30 -15.41
CA ARG A 78 -20.20 -22.61 -16.82
C ARG A 78 -20.67 -21.42 -17.68
N TRP A 79 -21.49 -20.53 -17.10
CA TRP A 79 -21.91 -19.31 -17.81
C TRP A 79 -20.79 -18.28 -17.79
N HIS A 80 -20.02 -18.32 -16.70
CA HIS A 80 -18.82 -17.52 -16.53
C HIS A 80 -17.79 -18.01 -17.55
N PHE A 81 -17.64 -19.33 -17.64
CA PHE A 81 -16.83 -19.96 -18.67
C PHE A 81 -17.18 -19.42 -20.06
N TYR A 82 -18.45 -19.51 -20.43
CA TYR A 82 -18.89 -19.01 -21.72
C TYR A 82 -18.48 -17.56 -21.93
N ASP A 83 -18.78 -16.71 -20.95
CA ASP A 83 -18.48 -15.29 -21.04
C ASP A 83 -17.01 -15.03 -21.36
N THR A 84 -16.13 -15.74 -20.66
CA THR A 84 -14.68 -15.56 -20.76
C THR A 84 -14.15 -15.96 -22.15
N VAL A 85 -14.54 -17.13 -22.63
CA VAL A 85 -14.11 -17.57 -23.95
C VAL A 85 -14.64 -16.62 -25.03
N LYS A 86 -15.91 -16.23 -24.94
CA LYS A 86 -16.48 -15.27 -25.89
C LYS A 86 -15.66 -13.98 -25.92
N GLY A 87 -15.44 -13.40 -24.76
CA GLY A 87 -14.66 -12.17 -24.63
C GLY A 87 -13.25 -12.31 -25.18
N SER A 88 -12.70 -13.52 -25.09
CA SER A 88 -11.33 -13.80 -25.52
C SER A 88 -11.20 -13.88 -27.05
N ASP A 89 -12.32 -13.68 -27.74
CA ASP A 89 -12.40 -13.75 -29.21
C ASP A 89 -11.79 -15.04 -29.79
N TRP A 90 -11.88 -16.11 -28.99
CA TRP A 90 -11.44 -17.46 -29.35
C TRP A 90 -9.94 -17.59 -29.63
N LEU A 91 -9.17 -16.70 -29.01
CA LEU A 91 -7.73 -16.90 -28.90
C LEU A 91 -7.42 -17.45 -27.49
N GLY A 92 -8.46 -17.57 -26.67
CA GLY A 92 -8.34 -18.07 -25.30
C GLY A 92 -8.33 -19.58 -25.24
N ASP A 93 -7.43 -20.13 -24.43
CA ASP A 93 -7.28 -21.57 -24.31
C ASP A 93 -8.32 -22.14 -23.37
N GLN A 94 -9.25 -22.90 -23.94
CA GLN A 94 -10.46 -23.32 -23.24
C GLN A 94 -10.24 -24.29 -22.09
N ASP A 95 -9.16 -25.07 -22.14
CA ASP A 95 -8.78 -25.93 -21.01
C ASP A 95 -8.48 -25.09 -19.77
N ALA A 96 -7.72 -24.00 -19.96
CA ALA A 96 -7.34 -23.10 -18.88
C ALA A 96 -8.53 -22.31 -18.36
N ILE A 97 -9.40 -21.86 -19.26
CA ILE A 97 -10.65 -21.19 -18.86
C ILE A 97 -11.59 -22.11 -18.09
N HIS A 98 -11.69 -23.37 -18.52
CA HIS A 98 -12.43 -24.38 -17.78
C HIS A 98 -11.89 -24.40 -16.36
N TYR A 99 -10.60 -24.69 -16.21
CA TYR A 99 -9.96 -24.82 -14.90
C TYR A 99 -10.22 -23.59 -14.02
N MET A 100 -10.07 -22.40 -14.60
CA MET A 100 -10.19 -21.14 -13.87
C MET A 100 -11.62 -20.87 -13.39
N THR A 101 -12.55 -20.73 -14.34
CA THR A 101 -13.94 -20.39 -14.03
C THR A 101 -14.63 -21.41 -13.14
N GLU A 102 -14.18 -22.67 -13.20
CA GLU A 102 -14.68 -23.69 -12.28
C GLU A 102 -14.16 -23.48 -10.86
N GLN A 103 -12.86 -23.26 -10.74
CA GLN A 103 -12.19 -23.09 -9.44
C GLN A 103 -12.54 -21.75 -8.77
N ALA A 104 -13.17 -20.86 -9.55
CA ALA A 104 -13.48 -19.49 -9.13
C ALA A 104 -14.16 -19.37 -7.75
N PRO A 105 -15.29 -20.06 -7.55
CA PRO A 105 -15.96 -19.89 -6.25
C PRO A 105 -15.13 -20.43 -5.10
N ALA A 106 -14.47 -21.56 -5.30
CA ALA A 106 -13.62 -22.13 -4.26
C ALA A 106 -12.51 -21.15 -3.89
N SER A 107 -12.05 -20.39 -4.88
CA SER A 107 -10.93 -19.48 -4.72
C SER A 107 -11.31 -18.21 -4.00
N VAL A 108 -12.46 -17.65 -4.37
CA VAL A 108 -12.99 -16.47 -3.70
C VAL A 108 -13.33 -16.80 -2.25
N VAL A 109 -13.99 -17.94 -2.04
CA VAL A 109 -14.33 -18.39 -0.68
C VAL A 109 -13.08 -18.56 0.20
N GLU A 110 -12.02 -19.12 -0.38
CA GLU A 110 -10.74 -19.23 0.31
C GLU A 110 -10.27 -17.85 0.81
N LEU A 111 -10.39 -16.84 -0.05
CA LEU A 111 -10.00 -15.49 0.29
C LEU A 111 -10.84 -14.89 1.40
N GLU A 112 -12.16 -15.07 1.30
CA GLU A 112 -13.07 -14.56 2.32
C GLU A 112 -12.78 -15.25 3.64
N ASN A 113 -12.61 -16.57 3.61
CA ASN A 113 -12.19 -17.33 4.79
C ASN A 113 -10.82 -16.95 5.33
N TYR A 114 -9.97 -16.37 4.49
CA TYR A 114 -8.69 -15.83 4.91
C TYR A 114 -8.89 -14.54 5.71
N GLY A 115 -9.94 -13.79 5.37
CA GLY A 115 -10.28 -12.58 6.11
C GLY A 115 -10.67 -11.40 5.25
N MET A 116 -10.62 -11.55 3.94
CA MET A 116 -10.89 -10.45 3.03
C MET A 116 -12.26 -9.78 3.29
N PRO A 117 -12.25 -8.51 3.69
CA PRO A 117 -13.49 -7.86 4.09
C PRO A 117 -14.36 -7.44 2.92
N PHE A 118 -15.00 -8.41 2.28
CA PHE A 118 -15.91 -8.14 1.17
C PHE A 118 -17.11 -7.34 1.65
N SER A 119 -17.59 -6.43 0.79
CA SER A 119 -18.91 -5.84 0.97
C SER A 119 -19.95 -6.96 1.11
N ARG A 120 -21.04 -6.68 1.82
CA ARG A 120 -21.98 -7.74 2.18
C ARG A 120 -23.41 -7.45 1.78
N THR A 121 -24.14 -8.52 1.47
CA THR A 121 -25.56 -8.46 1.08
C THR A 121 -26.48 -8.49 2.30
N GLU A 122 -27.79 -8.47 2.06
CA GLU A 122 -28.80 -8.59 3.11
C GLU A 122 -28.65 -9.92 3.84
N ASP A 123 -28.29 -10.95 3.08
CA ASP A 123 -27.95 -12.27 3.62
C ASP A 123 -26.66 -12.28 4.42
N GLY A 124 -25.83 -11.24 4.25
CA GLY A 124 -24.52 -11.21 4.86
C GLY A 124 -23.57 -12.14 4.14
N LYS A 125 -23.81 -12.26 2.82
CA LYS A 125 -22.94 -13.00 1.92
C LYS A 125 -22.13 -11.99 1.12
N ILE A 126 -21.13 -12.47 0.40
CA ILE A 126 -20.28 -11.61 -0.43
C ILE A 126 -21.11 -10.89 -1.50
N TYR A 127 -21.05 -9.56 -1.49
CA TYR A 127 -21.75 -8.75 -2.47
C TYR A 127 -21.09 -8.87 -3.84
N GLN A 128 -21.89 -8.98 -4.87
CA GLN A 128 -21.41 -9.07 -6.25
C GLN A 128 -22.03 -7.95 -7.06
N ARG A 129 -21.35 -7.50 -8.10
CA ARG A 129 -21.91 -6.47 -8.97
C ARG A 129 -21.75 -6.74 -10.48
N ALA A 130 -22.54 -6.02 -11.27
CA ALA A 130 -22.46 -6.07 -12.72
C ALA A 130 -21.07 -5.63 -13.18
N PHE A 131 -20.62 -6.20 -14.28
CA PHE A 131 -19.35 -5.83 -14.88
C PHE A 131 -19.43 -6.06 -16.37
N GLY A 132 -18.51 -5.44 -17.11
CA GLY A 132 -18.54 -5.42 -18.58
C GLY A 132 -18.48 -6.78 -19.24
N GLY A 133 -19.45 -7.02 -20.14
CA GLY A 133 -19.53 -8.23 -20.94
C GLY A 133 -19.76 -9.51 -20.15
N GLN A 134 -20.71 -9.49 -19.21
CA GLN A 134 -21.04 -10.70 -18.45
C GLN A 134 -22.53 -10.99 -18.42
N SER A 135 -22.87 -12.24 -18.69
CA SER A 135 -24.26 -12.66 -18.93
C SER A 135 -24.67 -13.92 -18.17
N LEU A 136 -25.98 -14.13 -18.09
CA LEU A 136 -26.54 -15.35 -17.55
C LEU A 136 -26.98 -16.28 -18.68
N LYS A 137 -27.04 -17.58 -18.37
CA LYS A 137 -27.52 -18.59 -19.30
C LYS A 137 -26.81 -18.52 -20.66
N PHE A 138 -25.49 -18.70 -20.63
CA PHE A 138 -24.65 -18.72 -21.83
C PHE A 138 -25.01 -17.60 -22.82
N GLY A 139 -24.86 -16.36 -22.39
CA GLY A 139 -25.08 -15.21 -23.27
C GLY A 139 -26.52 -14.84 -23.57
N LYS A 140 -27.47 -15.52 -22.94
CA LYS A 140 -28.89 -15.30 -23.23
C LYS A 140 -29.60 -14.51 -22.13
N GLY A 141 -29.76 -15.14 -20.96
CA GLY A 141 -30.62 -14.64 -19.89
C GLY A 141 -30.24 -13.35 -19.16
N GLY A 142 -29.66 -12.40 -19.88
CA GLY A 142 -29.44 -11.05 -19.37
C GLY A 142 -28.15 -10.82 -18.59
N GLN A 143 -27.98 -9.60 -18.10
CA GLN A 143 -26.78 -9.15 -17.39
C GLN A 143 -26.51 -9.92 -16.09
N ALA A 144 -25.26 -10.36 -15.94
CA ALA A 144 -24.81 -11.14 -14.79
C ALA A 144 -24.15 -10.27 -13.73
N HIS A 145 -24.41 -10.60 -12.46
CA HIS A 145 -23.86 -9.88 -11.33
C HIS A 145 -23.05 -10.85 -10.47
N ARG A 146 -21.79 -11.08 -10.87
CA ARG A 146 -20.92 -12.04 -10.16
C ARG A 146 -19.56 -11.48 -9.73
N CYS A 147 -19.30 -10.21 -10.06
CA CYS A 147 -18.07 -9.55 -9.62
C CYS A 147 -18.10 -9.28 -8.11
N CYS A 148 -17.29 -10.03 -7.37
CA CYS A 148 -17.16 -9.89 -5.92
C CYS A 148 -16.20 -8.74 -5.60
N CYS A 149 -16.60 -7.86 -4.69
CA CYS A 149 -15.79 -6.68 -4.39
C CYS A 149 -15.71 -6.29 -2.91
N VAL A 150 -14.55 -5.78 -2.52
CA VAL A 150 -14.35 -5.06 -1.27
C VAL A 150 -14.61 -3.59 -1.60
N ALA A 151 -15.88 -3.23 -1.69
CA ALA A 151 -16.33 -1.91 -2.11
C ALA A 151 -15.60 -1.48 -3.37
N ASP A 152 -14.71 -0.52 -3.21
CA ASP A 152 -13.99 0.09 -4.33
C ASP A 152 -12.51 -0.31 -4.34
N ARG A 153 -12.06 -0.92 -3.26
CA ARG A 153 -10.64 -1.20 -3.04
C ARG A 153 -10.38 -2.70 -2.91
N THR A 154 -10.82 -3.46 -3.92
CA THR A 154 -10.75 -4.91 -3.90
C THR A 154 -9.31 -5.43 -3.91
N GLY A 155 -8.52 -4.95 -4.87
CA GLY A 155 -7.12 -5.34 -4.99
C GLY A 155 -6.31 -4.99 -3.77
N HIS A 156 -6.57 -3.80 -3.22
CA HIS A 156 -5.93 -3.36 -1.98
C HIS A 156 -6.11 -4.42 -0.90
N SER A 157 -7.37 -4.71 -0.59
CA SER A 157 -7.75 -5.67 0.44
C SER A 157 -7.17 -7.05 0.15
N LEU A 158 -7.40 -7.53 -1.08
CA LEU A 158 -6.87 -8.81 -1.55
C LEU A 158 -5.39 -8.96 -1.24
N LEU A 159 -4.58 -8.00 -1.68
CA LEU A 159 -3.14 -8.09 -1.51
C LEU A 159 -2.78 -8.15 -0.03
N HIS A 160 -3.37 -7.26 0.76
CA HIS A 160 -3.12 -7.22 2.19
C HIS A 160 -3.56 -8.51 2.85
N THR A 161 -4.75 -8.99 2.48
CA THR A 161 -5.27 -10.23 3.03
C THR A 161 -4.26 -11.35 2.78
N LEU A 162 -3.88 -11.50 1.51
CA LEU A 162 -2.88 -12.48 1.13
C LEU A 162 -1.56 -12.24 1.86
N TYR A 163 -1.09 -10.98 1.86
CA TYR A 163 0.14 -10.69 2.58
C TYR A 163 -0.01 -11.08 4.05
N GLY A 164 -1.11 -10.66 4.66
CA GLY A 164 -1.39 -10.97 6.06
C GLY A 164 -1.22 -12.46 6.27
N ARG A 165 -1.92 -13.23 5.44
CA ARG A 165 -1.95 -14.68 5.55
C ARG A 165 -0.55 -15.26 5.38
N SER A 166 0.22 -14.68 4.46
CA SER A 166 1.56 -15.15 4.14
C SER A 166 2.50 -15.15 5.34
N LEU A 167 2.26 -14.24 6.29
CA LEU A 167 3.09 -14.15 7.50
C LEU A 167 3.03 -15.41 8.35
N ARG A 168 1.98 -16.20 8.12
CA ARG A 168 1.68 -17.41 8.88
C ARG A 168 2.66 -18.59 8.62
N TYR A 169 3.41 -18.51 7.52
CA TYR A 169 4.30 -19.60 7.10
C TYR A 169 5.77 -19.19 7.05
N ASP A 170 6.66 -20.17 7.00
CA ASP A 170 8.10 -19.89 7.08
C ASP A 170 8.79 -19.67 5.71
N THR A 171 8.10 -18.98 4.81
CA THR A 171 8.66 -18.55 3.54
C THR A 171 9.82 -17.60 3.80
N SER A 172 10.97 -17.86 3.19
CA SER A 172 12.09 -16.92 3.26
C SER A 172 11.91 -15.82 2.23
N TYR A 173 11.71 -14.60 2.71
CA TYR A 173 11.43 -13.47 1.84
C TYR A 173 12.66 -12.62 1.53
N PHE A 174 12.84 -12.34 0.23
CA PHE A 174 13.90 -11.45 -0.24
C PHE A 174 13.27 -10.15 -0.74
N VAL A 175 13.04 -9.23 0.19
CA VAL A 175 12.31 -8.00 -0.12
C VAL A 175 13.27 -6.98 -0.67
N GLU A 176 12.79 -6.19 -1.63
CA GLU A 176 13.60 -5.25 -2.39
C GLU A 176 14.85 -5.91 -2.99
N TYR A 177 14.62 -7.05 -3.64
CA TYR A 177 15.60 -7.74 -4.46
C TYR A 177 15.12 -7.68 -5.89
N PHE A 178 16.03 -7.31 -6.79
CA PHE A 178 15.69 -7.18 -8.21
C PHE A 178 16.25 -8.36 -8.98
N ALA A 179 15.36 -9.26 -9.40
CA ALA A 179 15.75 -10.44 -10.16
C ALA A 179 16.31 -10.01 -11.52
N LEU A 180 17.44 -10.60 -11.88
CA LEU A 180 18.17 -10.19 -13.08
C LEU A 180 17.91 -11.16 -14.23
N ASP A 181 18.15 -12.44 -13.98
CA ASP A 181 17.90 -13.50 -14.95
C ASP A 181 17.57 -14.80 -14.24
N LEU A 182 17.07 -15.77 -15.00
CA LEU A 182 16.88 -17.13 -14.49
C LEU A 182 18.21 -17.86 -14.59
N LEU A 183 18.46 -18.78 -13.67
CA LEU A 183 19.65 -19.60 -13.75
C LEU A 183 19.33 -20.82 -14.60
N MET A 184 19.80 -20.78 -15.84
CA MET A 184 19.39 -21.76 -16.83
C MET A 184 20.53 -22.72 -17.17
N GLU A 185 20.27 -24.02 -17.07
CA GLU A 185 21.26 -25.01 -17.44
C GLU A 185 20.66 -26.16 -18.26
N ASN A 186 20.87 -26.09 -19.58
CA ASN A 186 20.39 -27.09 -20.54
C ASN A 186 18.88 -27.18 -20.56
N GLY A 187 18.24 -26.09 -20.98
CA GLY A 187 16.78 -26.02 -21.11
C GLY A 187 16.00 -26.20 -19.82
N GLU A 188 16.70 -26.23 -18.69
CA GLU A 188 16.09 -26.44 -17.38
C GLU A 188 16.36 -25.26 -16.45
N CYS A 189 15.33 -24.86 -15.69
CA CYS A 189 15.49 -23.75 -14.75
C CYS A 189 15.99 -24.22 -13.38
N ARG A 190 17.08 -23.59 -12.94
CA ARG A 190 17.77 -23.98 -11.72
C ARG A 190 17.60 -22.96 -10.60
N GLY A 191 17.01 -21.81 -10.91
CA GLY A 191 16.81 -20.76 -9.93
C GLY A 191 16.86 -19.38 -10.55
N VAL A 192 17.19 -18.38 -9.73
CA VAL A 192 17.35 -16.99 -10.19
C VAL A 192 18.63 -16.34 -9.68
N ILE A 193 18.99 -15.23 -10.32
CA ILE A 193 20.06 -14.37 -9.85
C ILE A 193 19.51 -12.95 -9.71
N ALA A 194 19.79 -12.34 -8.56
CA ALA A 194 19.15 -11.08 -8.19
C ALA A 194 20.11 -10.09 -7.54
N LEU A 195 19.79 -8.81 -7.70
CA LEU A 195 20.49 -7.72 -7.05
C LEU A 195 19.79 -7.33 -5.76
N CYS A 196 20.54 -7.32 -4.66
CA CYS A 196 20.04 -6.86 -3.36
C CYS A 196 20.15 -5.34 -3.27
N ILE A 197 19.04 -4.65 -3.56
CA ILE A 197 19.03 -3.18 -3.66
C ILE A 197 19.62 -2.49 -2.42
N GLU A 198 19.48 -3.14 -1.26
CA GLU A 198 19.90 -2.55 0.00
C GLU A 198 21.41 -2.31 0.10
N ASP A 199 22.21 -3.26 -0.36
CA ASP A 199 23.68 -3.11 -0.27
C ASP A 199 24.43 -3.31 -1.59
N GLY A 200 23.68 -3.61 -2.66
CA GLY A 200 24.26 -3.80 -3.98
C GLY A 200 24.91 -5.15 -4.24
N SER A 201 24.88 -6.04 -3.25
CA SER A 201 25.44 -7.39 -3.39
C SER A 201 24.60 -8.29 -4.31
N ILE A 202 25.23 -9.33 -4.85
CA ILE A 202 24.59 -10.18 -5.84
C ILE A 202 24.32 -11.60 -5.37
N HIS A 203 23.09 -12.05 -5.60
CA HIS A 203 22.58 -13.27 -4.99
C HIS A 203 22.14 -14.34 -5.98
N ARG A 204 22.64 -15.54 -5.79
CA ARG A 204 22.25 -16.69 -6.59
C ARG A 204 21.34 -17.59 -5.75
N ILE A 205 20.03 -17.40 -5.92
CA ILE A 205 19.06 -18.25 -5.25
C ILE A 205 18.69 -19.37 -6.20
N ARG A 206 19.08 -20.58 -5.84
CA ARG A 206 18.80 -21.75 -6.66
C ARG A 206 17.78 -22.71 -6.03
N ALA A 207 16.87 -23.23 -6.87
CA ALA A 207 15.84 -24.17 -6.45
C ALA A 207 15.46 -25.16 -7.55
N ARG A 208 14.83 -26.26 -7.15
CA ARG A 208 14.35 -27.28 -8.07
C ARG A 208 13.27 -26.73 -8.99
N ASN A 209 12.53 -25.75 -8.50
CA ASN A 209 11.43 -25.14 -9.25
C ASN A 209 11.36 -23.64 -9.05
N THR A 210 10.93 -22.94 -10.10
CA THR A 210 10.91 -21.50 -10.10
C THR A 210 9.58 -21.01 -10.63
N VAL A 211 8.99 -20.04 -9.95
CA VAL A 211 7.74 -19.42 -10.42
C VAL A 211 8.01 -17.96 -10.75
N VAL A 212 7.58 -17.54 -11.93
CA VAL A 212 7.67 -16.14 -12.35
C VAL A 212 6.29 -15.53 -12.27
N ALA A 213 6.13 -14.53 -11.40
CA ALA A 213 4.84 -13.85 -11.23
C ALA A 213 5.03 -12.33 -11.18
N THR A 214 5.75 -11.81 -12.17
CA THR A 214 6.27 -10.44 -12.14
C THR A 214 5.31 -9.38 -12.69
N GLY A 215 4.08 -9.78 -12.99
CA GLY A 215 3.11 -8.85 -13.53
C GLY A 215 3.48 -8.34 -14.91
N GLY A 216 2.79 -7.28 -15.35
CA GLY A 216 2.90 -6.78 -16.72
C GLY A 216 4.03 -5.79 -17.02
N TYR A 217 3.98 -5.28 -18.25
CA TYR A 217 4.98 -4.34 -18.77
C TYR A 217 4.26 -3.13 -19.38
N GLY A 218 3.15 -2.73 -18.75
CA GLY A 218 2.40 -1.55 -19.19
C GLY A 218 3.20 -0.27 -19.36
N ARG A 219 4.28 -0.11 -18.58
CA ARG A 219 5.16 1.07 -18.65
C ARG A 219 5.87 1.28 -19.99
N THR A 220 5.72 0.36 -20.93
CA THR A 220 6.22 0.53 -22.30
C THR A 220 5.49 1.66 -23.01
N TYR A 221 4.40 2.14 -22.41
CA TYR A 221 3.61 3.21 -23.00
C TYR A 221 3.75 4.53 -22.25
N PHE A 222 3.43 5.62 -22.95
CA PHE A 222 3.52 6.96 -22.37
C PHE A 222 2.41 7.19 -21.34
N SER A 223 1.21 6.69 -21.65
CA SER A 223 0.03 6.85 -20.80
C SER A 223 -0.59 5.48 -20.48
N CYS A 224 -0.49 5.09 -19.21
CA CYS A 224 -0.99 3.79 -18.75
C CYS A 224 -1.46 3.87 -17.31
N THR A 225 -2.42 3.01 -16.94
CA THR A 225 -2.94 2.99 -15.56
C THR A 225 -1.99 2.31 -14.57
N SER A 226 -0.98 1.62 -15.08
CA SER A 226 -0.15 0.76 -14.25
C SER A 226 0.96 1.51 -13.49
N ALA A 227 1.53 0.83 -12.49
CA ALA A 227 2.58 1.40 -11.63
C ALA A 227 3.91 1.59 -12.34
N HIS A 228 4.75 2.45 -11.78
CA HIS A 228 6.10 2.68 -12.30
C HIS A 228 6.97 1.43 -12.19
N THR A 229 6.40 0.36 -11.66
CA THR A 229 7.14 -0.89 -11.44
C THR A 229 6.64 -2.02 -12.36
N SER A 230 5.71 -1.69 -13.25
CA SER A 230 5.22 -2.58 -14.31
C SER A 230 6.20 -2.58 -15.48
N THR A 231 7.34 -3.27 -15.31
CA THR A 231 8.43 -3.18 -16.28
C THR A 231 8.80 -4.51 -16.98
N GLY A 232 7.82 -5.42 -17.10
CA GLY A 232 8.02 -6.72 -17.74
C GLY A 232 9.29 -7.47 -17.41
N ASP A 233 9.73 -7.37 -16.17
CA ASP A 233 11.00 -7.94 -15.72
C ASP A 233 11.15 -9.47 -15.87
N GLY A 234 10.03 -10.18 -15.81
CA GLY A 234 10.03 -11.65 -15.96
C GLY A 234 10.00 -12.05 -17.42
N THR A 235 9.10 -11.41 -18.16
CA THR A 235 8.99 -11.57 -19.61
C THR A 235 10.38 -11.47 -20.24
N ALA A 236 11.09 -10.39 -19.89
CA ALA A 236 12.44 -10.13 -20.38
C ALA A 236 13.41 -11.23 -19.97
N MET A 237 13.33 -11.66 -18.72
CA MET A 237 14.18 -12.74 -18.20
C MET A 237 14.03 -14.02 -19.02
N VAL A 238 12.78 -14.30 -19.37
CA VAL A 238 12.42 -15.44 -20.20
C VAL A 238 12.95 -15.26 -21.63
N THR A 239 12.78 -14.04 -22.15
CA THR A 239 13.28 -13.69 -23.47
C THR A 239 14.78 -13.88 -23.55
N ARG A 240 15.48 -13.38 -22.53
CA ARG A 240 16.94 -13.56 -22.41
C ARG A 240 17.39 -15.02 -22.27
N ALA A 241 16.44 -15.92 -21.98
CA ALA A 241 16.74 -17.34 -21.87
C ALA A 241 16.52 -18.02 -23.22
N GLY A 242 16.02 -17.26 -24.18
CA GLY A 242 15.75 -17.78 -25.52
C GLY A 242 14.44 -18.55 -25.57
N LEU A 243 13.58 -18.27 -24.60
CA LEU A 243 12.26 -18.89 -24.55
C LEU A 243 11.23 -17.95 -25.18
N PRO A 244 10.11 -18.52 -25.67
CA PRO A 244 9.11 -17.67 -26.31
C PRO A 244 8.25 -16.91 -25.31
N CYS A 245 7.83 -15.73 -25.72
CA CYS A 245 6.76 -15.03 -25.04
C CYS A 245 5.59 -15.09 -25.98
N GLN A 246 4.38 -15.07 -25.43
CA GLN A 246 3.19 -15.28 -26.24
C GLN A 246 2.32 -14.03 -26.34
N ASP A 247 1.66 -13.88 -27.48
CA ASP A 247 0.57 -12.92 -27.69
C ASP A 247 0.80 -11.50 -27.15
N LEU A 248 2.02 -10.99 -27.28
CA LEU A 248 2.37 -9.68 -26.69
C LEU A 248 1.75 -8.45 -27.39
N GLU A 249 1.31 -8.62 -28.63
CA GLU A 249 0.66 -7.53 -29.36
C GLU A 249 -0.73 -7.22 -28.81
N PHE A 250 -1.23 -8.11 -27.96
CA PHE A 250 -2.54 -7.95 -27.35
C PHE A 250 -2.39 -7.17 -26.04
N VAL A 251 -2.70 -5.88 -26.13
CA VAL A 251 -2.54 -4.95 -25.01
C VAL A 251 -3.91 -4.33 -24.71
N GLN A 252 -4.35 -4.44 -23.46
CA GLN A 252 -5.67 -3.95 -23.07
C GLN A 252 -5.67 -2.45 -22.82
N PHE A 253 -6.52 -1.75 -23.56
CA PHE A 253 -6.78 -0.35 -23.34
C PHE A 253 -8.06 -0.22 -22.52
N HIS A 254 -7.90 -0.06 -21.21
CA HIS A 254 -9.04 0.19 -20.34
C HIS A 254 -9.77 1.45 -20.79
N PRO A 255 -11.11 1.36 -20.95
CA PRO A 255 -11.91 2.51 -21.34
C PRO A 255 -11.75 3.75 -20.45
N THR A 256 -11.93 3.58 -19.14
CA THR A 256 -12.04 4.73 -18.22
C THR A 256 -10.83 5.02 -17.31
N GLY A 257 -9.95 5.91 -17.76
CA GLY A 257 -8.85 6.40 -16.93
C GLY A 257 -8.74 7.92 -17.00
N ILE A 258 -8.49 8.56 -15.85
CA ILE A 258 -8.37 10.03 -15.74
C ILE A 258 -7.57 10.66 -16.88
N TYR A 259 -8.12 11.73 -17.47
CA TYR A 259 -7.48 12.45 -18.57
C TYR A 259 -6.05 12.90 -18.22
N GLY A 260 -5.86 13.42 -17.01
CA GLY A 260 -4.55 13.89 -16.57
C GLY A 260 -3.54 12.77 -16.36
N ALA A 261 -3.40 12.34 -15.10
CA ALA A 261 -2.35 11.40 -14.69
C ALA A 261 -2.58 9.95 -15.13
N GLY A 262 -3.69 9.72 -15.83
CA GLY A 262 -4.03 8.40 -16.36
C GLY A 262 -4.27 7.35 -15.29
N CYS A 263 -4.78 7.78 -14.14
CA CYS A 263 -5.13 6.87 -13.06
C CYS A 263 -6.42 6.17 -13.43
N LEU A 264 -6.58 4.94 -12.96
CA LEU A 264 -7.75 4.15 -13.31
C LEU A 264 -8.99 4.53 -12.52
N ILE A 265 -10.08 4.75 -13.25
CA ILE A 265 -11.41 4.79 -12.66
C ILE A 265 -12.11 3.48 -13.02
N THR A 266 -12.51 2.72 -11.99
CA THR A 266 -13.03 1.37 -12.16
C THR A 266 -14.17 1.21 -13.17
N GLU A 267 -14.23 0.04 -13.80
CA GLU A 267 -15.35 -0.34 -14.67
C GLU A 267 -16.60 -0.56 -13.83
N GLY A 268 -16.39 -0.90 -12.55
CA GLY A 268 -17.47 -1.01 -11.57
C GLY A 268 -18.33 0.24 -11.50
N CYS A 269 -17.78 1.37 -11.94
CA CYS A 269 -18.53 2.61 -12.11
C CYS A 269 -19.72 2.37 -13.03
N ARG A 270 -19.44 1.76 -14.18
CA ARG A 270 -20.45 1.44 -15.19
C ARG A 270 -21.39 0.31 -14.74
N GLY A 271 -20.82 -0.70 -14.07
CA GLY A 271 -21.62 -1.81 -13.51
C GLY A 271 -22.53 -1.39 -12.37
N GLU A 272 -22.26 -0.21 -11.81
CA GLU A 272 -23.11 0.38 -10.78
C GLU A 272 -24.11 1.39 -11.35
N GLY A 273 -24.13 1.51 -12.68
CA GLY A 273 -25.09 2.37 -13.36
C GLY A 273 -24.48 3.58 -14.05
N GLY A 274 -23.15 3.63 -14.11
CA GLY A 274 -22.44 4.72 -14.79
C GLY A 274 -22.70 4.76 -16.29
N ILE A 275 -22.62 5.97 -16.86
CA ILE A 275 -22.94 6.19 -18.27
C ILE A 275 -21.79 6.92 -18.96
N LEU A 276 -21.60 6.64 -20.26
CA LEU A 276 -20.56 7.30 -21.05
C LEU A 276 -21.14 8.30 -22.06
N ILE A 277 -20.66 9.54 -21.98
CA ILE A 277 -21.21 10.69 -22.70
C ILE A 277 -20.15 11.42 -23.56
N ASN A 278 -20.54 11.76 -24.79
CA ASN A 278 -19.68 12.55 -25.69
C ASN A 278 -19.92 14.07 -25.60
N SER A 279 -19.36 14.83 -26.54
CA SER A 279 -19.44 16.30 -26.51
C SER A 279 -20.86 16.86 -26.61
N GLN A 280 -21.72 16.21 -27.38
CA GLN A 280 -23.10 16.67 -27.54
C GLN A 280 -24.09 15.88 -26.67
N GLY A 281 -23.56 15.19 -25.66
CA GLY A 281 -24.40 14.58 -24.62
C GLY A 281 -24.99 13.21 -24.91
N GLU A 282 -24.89 12.76 -26.16
CA GLU A 282 -25.41 11.46 -26.58
C GLU A 282 -24.71 10.34 -25.80
N ARG A 283 -25.49 9.40 -25.25
CA ARG A 283 -24.94 8.18 -24.66
C ARG A 283 -24.47 7.28 -25.82
N PHE A 284 -23.31 7.62 -26.37
CA PHE A 284 -22.83 7.06 -27.63
C PHE A 284 -22.71 5.54 -27.59
N MET A 285 -22.63 4.98 -26.39
CA MET A 285 -22.48 3.54 -26.22
C MET A 285 -23.76 2.74 -26.46
N GLU A 286 -24.90 3.43 -26.42
CA GLU A 286 -26.19 2.80 -26.70
C GLU A 286 -26.38 2.56 -28.20
N ARG A 287 -25.64 3.33 -29.00
CA ARG A 287 -25.63 3.22 -30.46
C ARG A 287 -24.55 2.24 -30.94
N TYR A 288 -23.40 2.24 -30.27
CA TYR A 288 -22.26 1.36 -30.61
C TYR A 288 -22.47 -0.12 -30.25
N ALA A 289 -23.18 -0.38 -29.15
CA ALA A 289 -23.49 -1.75 -28.70
C ALA A 289 -24.89 -1.82 -28.09
N PRO A 290 -25.93 -1.92 -28.95
CA PRO A 290 -27.34 -1.80 -28.54
C PRO A 290 -27.77 -2.67 -27.34
N VAL A 291 -27.27 -3.90 -27.26
CA VAL A 291 -27.68 -4.83 -26.20
C VAL A 291 -27.06 -4.47 -24.84
N ALA A 292 -25.73 -4.59 -24.74
CA ALA A 292 -25.01 -4.42 -23.47
C ALA A 292 -24.71 -2.97 -23.09
N LYS A 293 -24.65 -2.09 -24.10
CA LYS A 293 -24.36 -0.66 -23.93
C LYS A 293 -22.94 -0.41 -23.39
N ASP A 294 -22.74 0.58 -22.51
CA ASP A 294 -21.41 0.84 -21.95
C ASP A 294 -20.95 -0.20 -20.91
N LEU A 295 -21.68 -1.32 -20.84
CA LEU A 295 -21.23 -2.48 -20.08
C LEU A 295 -20.86 -3.63 -21.05
N ALA A 296 -20.34 -3.24 -22.22
CA ALA A 296 -19.82 -4.17 -23.21
C ALA A 296 -18.38 -4.54 -22.87
N SER A 297 -17.64 -5.05 -23.85
CA SER A 297 -16.23 -5.42 -23.66
C SER A 297 -15.34 -4.21 -23.49
N ARG A 298 -14.10 -4.44 -23.07
CA ARG A 298 -13.15 -3.36 -22.93
C ARG A 298 -12.64 -2.90 -24.30
N ASP A 299 -12.47 -3.86 -25.21
CA ASP A 299 -11.97 -3.56 -26.56
C ASP A 299 -13.00 -2.86 -27.44
N VAL A 300 -14.28 -3.13 -27.19
CA VAL A 300 -15.37 -2.51 -27.95
C VAL A 300 -15.64 -1.09 -27.45
N VAL A 301 -15.71 -0.93 -26.13
CA VAL A 301 -16.02 0.37 -25.51
C VAL A 301 -14.96 1.42 -25.80
N SER A 302 -13.70 1.08 -25.58
CA SER A 302 -12.58 1.99 -25.82
C SER A 302 -12.33 2.22 -27.32
N ARG A 303 -12.72 1.24 -28.14
CA ARG A 303 -12.72 1.38 -29.60
C ARG A 303 -13.72 2.46 -29.99
N SER A 304 -14.88 2.43 -29.33
CA SER A 304 -15.96 3.39 -29.57
C SER A 304 -15.54 4.80 -29.11
N MET A 305 -14.95 4.86 -27.91
CA MET A 305 -14.45 6.12 -27.34
C MET A 305 -13.45 6.78 -28.29
N THR A 306 -12.39 6.04 -28.62
CA THR A 306 -11.33 6.51 -29.52
C THR A 306 -11.91 6.99 -30.85
N LEU A 307 -12.93 6.27 -31.34
CA LEU A 307 -13.58 6.58 -32.60
C LEU A 307 -14.34 7.90 -32.49
N GLU A 308 -15.10 8.06 -31.40
CA GLU A 308 -15.86 9.28 -31.14
C GLU A 308 -14.99 10.54 -31.14
N ILE A 309 -13.73 10.38 -30.72
CA ILE A 309 -12.74 11.48 -30.75
C ILE A 309 -12.33 11.81 -32.18
N ARG A 310 -12.07 10.77 -32.99
CA ARG A 310 -11.84 10.95 -34.43
C ARG A 310 -13.04 11.62 -35.09
N GLU A 311 -14.25 11.16 -34.74
CA GLU A 311 -15.50 11.69 -35.29
C GLU A 311 -15.61 13.21 -35.17
N GLY A 312 -15.04 13.76 -34.11
CA GLY A 312 -15.11 15.20 -33.84
C GLY A 312 -15.76 15.50 -32.51
N ARG A 313 -16.52 14.52 -31.99
CA ARG A 313 -17.20 14.65 -30.69
C ARG A 313 -16.26 14.61 -29.47
N GLY A 314 -15.12 15.28 -29.57
CA GLY A 314 -14.16 15.36 -28.47
C GLY A 314 -14.59 16.34 -27.40
N CYS A 315 -14.25 16.02 -26.15
CA CYS A 315 -14.67 16.82 -24.99
C CYS A 315 -13.49 17.56 -24.32
N GLY A 316 -13.80 18.67 -23.65
CA GLY A 316 -12.79 19.49 -22.98
C GLY A 316 -12.16 20.53 -23.90
N PRO A 317 -11.33 21.43 -23.32
CA PRO A 317 -10.65 22.51 -24.05
C PRO A 317 -9.88 22.02 -25.29
N GLU A 318 -9.33 20.81 -25.22
CA GLU A 318 -8.52 20.26 -26.30
C GLU A 318 -9.32 19.30 -27.18
N LYS A 319 -10.56 19.04 -26.80
CA LYS A 319 -11.46 18.08 -27.49
C LYS A 319 -10.83 16.70 -27.68
N ASP A 320 -10.11 16.24 -26.64
CA ASP A 320 -9.34 14.99 -26.71
C ASP A 320 -9.63 13.98 -25.59
N HIS A 321 -10.77 14.13 -24.93
CA HIS A 321 -11.24 13.13 -23.96
C HIS A 321 -12.77 12.93 -23.98
N VAL A 322 -13.28 12.15 -23.03
CA VAL A 322 -14.70 11.83 -22.95
C VAL A 322 -15.17 11.92 -21.48
N TYR A 323 -16.48 11.98 -21.26
CA TYR A 323 -17.03 12.08 -19.91
C TYR A 323 -17.73 10.80 -19.41
N LEU A 324 -17.21 10.26 -18.32
CA LEU A 324 -17.88 9.20 -17.57
C LEU A 324 -18.80 9.90 -16.56
N GLN A 325 -20.11 9.68 -16.70
CA GLN A 325 -21.09 10.32 -15.83
C GLN A 325 -21.48 9.43 -14.65
N LEU A 326 -21.49 10.03 -13.46
CA LEU A 326 -21.87 9.32 -12.24
C LEU A 326 -22.87 10.13 -11.40
N HIS A 327 -23.01 11.41 -11.71
CA HIS A 327 -23.76 12.35 -10.85
C HIS A 327 -25.24 12.03 -10.65
N HIS A 328 -25.82 11.26 -11.57
CA HIS A 328 -27.24 10.86 -11.49
C HIS A 328 -27.48 9.69 -10.54
N LEU A 329 -26.41 9.03 -10.12
CA LEU A 329 -26.52 7.93 -9.15
C LEU A 329 -26.75 8.48 -7.73
N PRO A 330 -27.59 7.79 -6.94
CA PRO A 330 -27.74 8.09 -5.51
C PRO A 330 -26.39 8.26 -4.80
N PRO A 331 -26.22 9.34 -4.03
CA PRO A 331 -24.96 9.66 -3.34
C PRO A 331 -24.59 8.64 -2.26
N GLU A 332 -25.61 7.99 -1.68
CA GLU A 332 -25.43 6.90 -0.72
C GLU A 332 -24.69 5.75 -1.40
N GLN A 333 -25.13 5.42 -2.61
CA GLN A 333 -24.54 4.35 -3.42
C GLN A 333 -23.12 4.71 -3.82
N LEU A 334 -22.89 5.95 -4.24
CA LEU A 334 -21.57 6.41 -4.64
C LEU A 334 -20.54 6.36 -3.51
N ALA A 335 -20.99 6.61 -2.28
CA ALA A 335 -20.13 6.59 -1.10
C ALA A 335 -19.78 5.16 -0.68
N VAL A 336 -20.78 4.29 -0.71
CA VAL A 336 -20.62 2.90 -0.29
C VAL A 336 -19.93 2.06 -1.37
N ARG A 337 -20.45 2.14 -2.60
CA ARG A 337 -20.04 1.25 -3.70
C ARG A 337 -18.76 1.72 -4.39
N LEU A 338 -18.51 3.03 -4.36
CA LEU A 338 -17.38 3.61 -5.09
C LEU A 338 -16.64 4.74 -4.33
N PRO A 339 -16.17 4.47 -3.09
CA PRO A 339 -15.46 5.50 -2.34
C PRO A 339 -14.08 5.85 -2.91
N GLY A 340 -13.29 4.83 -3.25
CA GLY A 340 -11.92 5.00 -3.74
C GLY A 340 -11.77 5.92 -4.93
N ILE A 341 -12.65 5.78 -5.92
CA ILE A 341 -12.64 6.65 -7.10
C ILE A 341 -13.18 8.05 -6.79
N SER A 342 -14.22 8.13 -5.97
CA SER A 342 -14.82 9.42 -5.58
C SER A 342 -13.75 10.39 -5.10
N GLU A 343 -12.82 9.88 -4.29
CA GLU A 343 -11.74 10.68 -3.72
C GLU A 343 -10.67 11.08 -4.74
N THR A 344 -10.19 10.12 -5.54
CA THR A 344 -9.12 10.39 -6.51
C THR A 344 -9.63 11.12 -7.75
N ALA A 345 -10.94 11.07 -8.00
CA ALA A 345 -11.59 11.91 -9.00
C ALA A 345 -11.44 13.38 -8.62
N MET A 346 -11.50 13.64 -7.31
CA MET A 346 -11.22 14.95 -6.74
C MET A 346 -9.73 15.25 -6.75
N ILE A 347 -8.94 14.39 -6.11
CA ILE A 347 -7.49 14.60 -5.96
C ILE A 347 -6.76 14.89 -7.27
N PHE A 348 -7.10 14.15 -8.32
CA PHE A 348 -6.37 14.27 -9.59
C PHE A 348 -7.08 15.13 -10.64
N ALA A 349 -8.38 15.35 -10.46
CA ALA A 349 -9.15 16.10 -11.45
C ALA A 349 -10.00 17.22 -10.84
N GLY A 350 -10.06 17.28 -9.52
CA GLY A 350 -10.89 18.25 -8.79
C GLY A 350 -12.35 18.09 -9.12
N VAL A 351 -12.83 16.84 -9.15
CA VAL A 351 -14.19 16.53 -9.58
C VAL A 351 -15.03 15.92 -8.46
N ASP A 352 -16.15 16.57 -8.17
CA ASP A 352 -17.15 16.03 -7.24
C ASP A 352 -18.08 15.10 -8.01
N VAL A 353 -18.00 13.81 -7.69
CA VAL A 353 -18.73 12.77 -8.41
C VAL A 353 -20.25 12.90 -8.28
N THR A 354 -20.70 13.61 -7.24
CA THR A 354 -22.14 13.77 -6.98
C THR A 354 -22.79 14.79 -7.91
N LYS A 355 -21.98 15.64 -8.56
CA LYS A 355 -22.50 16.79 -9.29
C LYS A 355 -22.02 16.94 -10.74
N GLU A 356 -20.92 16.28 -11.10
CA GLU A 356 -20.29 16.46 -12.42
C GLU A 356 -19.54 15.20 -12.95
N PRO A 357 -19.37 15.10 -14.29
CA PRO A 357 -18.74 13.91 -14.90
C PRO A 357 -17.21 13.91 -14.87
N ILE A 358 -16.62 12.72 -14.78
CA ILE A 358 -15.16 12.57 -14.77
C ILE A 358 -14.59 12.62 -16.18
N PRO A 359 -13.49 13.40 -16.39
CA PRO A 359 -12.78 13.37 -17.67
C PRO A 359 -11.98 12.07 -17.85
N VAL A 360 -12.48 11.17 -18.71
CA VAL A 360 -11.84 9.88 -18.96
C VAL A 360 -11.30 9.72 -20.39
N LEU A 361 -10.29 8.88 -20.52
CA LEU A 361 -9.69 8.54 -21.82
C LEU A 361 -9.22 7.08 -21.76
N PRO A 362 -9.40 6.32 -22.86
CA PRO A 362 -8.83 4.97 -22.92
C PRO A 362 -7.31 5.02 -22.85
N THR A 363 -6.76 4.31 -21.86
CA THR A 363 -5.31 4.22 -21.70
C THR A 363 -4.92 2.76 -21.50
N VAL A 364 -3.65 2.45 -21.78
CA VAL A 364 -3.11 1.10 -21.56
C VAL A 364 -3.35 0.67 -20.11
N HIS A 365 -3.65 -0.61 -19.94
CA HIS A 365 -4.08 -1.14 -18.65
C HIS A 365 -3.51 -2.50 -18.31
N TYR A 366 -3.61 -3.44 -19.26
CA TYR A 366 -3.34 -4.86 -18.99
C TYR A 366 -2.62 -5.57 -20.14
N ASN A 367 -1.69 -6.46 -19.77
CA ASN A 367 -0.95 -7.27 -20.74
C ASN A 367 -1.46 -8.72 -20.82
N MET A 368 -2.32 -8.99 -21.80
CA MET A 368 -2.86 -10.33 -22.03
C MET A 368 -1.70 -11.30 -22.21
N GLY A 369 -0.85 -11.00 -23.18
CA GLY A 369 0.32 -11.81 -23.45
C GLY A 369 1.32 -11.82 -22.32
N GLY A 370 2.24 -12.79 -22.38
CA GLY A 370 3.27 -12.94 -21.38
C GLY A 370 4.01 -14.23 -21.64
N ILE A 371 4.29 -14.98 -20.59
CA ILE A 371 4.98 -16.26 -20.75
C ILE A 371 3.97 -17.38 -21.03
N PRO A 372 4.16 -18.14 -22.14
CA PRO A 372 3.32 -19.30 -22.45
C PRO A 372 3.34 -20.37 -21.35
N THR A 373 2.16 -20.88 -21.03
CA THR A 373 1.91 -21.69 -19.85
C THR A 373 0.85 -22.77 -20.09
N ASN A 374 1.02 -23.90 -19.42
CA ASN A 374 -0.02 -24.93 -19.18
C ASN A 374 -1.32 -24.38 -18.60
N TYR A 375 -2.30 -25.26 -18.35
CA TYR A 375 -3.34 -24.94 -17.37
C TYR A 375 -2.80 -25.21 -15.96
N LYS A 376 -1.63 -25.85 -15.92
CA LYS A 376 -0.93 -26.20 -14.68
C LYS A 376 0.09 -25.17 -14.28
N GLY A 377 0.31 -24.17 -15.12
CA GLY A 377 1.25 -23.11 -14.82
C GLY A 377 2.67 -23.40 -15.24
N GLN A 378 2.86 -24.50 -15.97
CA GLN A 378 4.18 -24.89 -16.44
C GLN A 378 4.52 -24.10 -17.70
N VAL A 379 5.70 -23.48 -17.69
CA VAL A 379 6.15 -22.67 -18.82
C VAL A 379 6.49 -23.53 -20.04
N LEU A 380 5.99 -23.11 -21.20
CA LEU A 380 6.12 -23.89 -22.42
C LEU A 380 7.07 -23.26 -23.42
N ARG A 381 7.83 -24.11 -24.10
CA ARG A 381 8.57 -23.73 -25.30
C ARG A 381 7.92 -24.41 -26.51
N HIS A 382 8.36 -24.02 -27.70
CA HIS A 382 7.76 -24.56 -28.93
C HIS A 382 8.74 -25.36 -29.78
N VAL A 383 8.79 -26.66 -29.52
CA VAL A 383 9.72 -27.55 -30.23
C VAL A 383 8.99 -28.39 -31.28
N ASN A 384 9.40 -28.20 -32.54
CA ASN A 384 8.87 -28.97 -33.68
C ASN A 384 7.34 -28.80 -33.82
N GLY A 385 6.91 -27.55 -33.84
CA GLY A 385 5.49 -27.22 -33.96
C GLY A 385 4.61 -27.84 -32.89
N GLN A 386 5.24 -28.23 -31.78
CA GLN A 386 4.57 -28.89 -30.67
C GLN A 386 4.95 -28.23 -29.36
N ASP A 387 4.17 -28.49 -28.31
CA ASP A 387 4.44 -27.92 -26.99
C ASP A 387 5.45 -28.71 -26.18
N GLN A 388 6.15 -28.02 -25.28
CA GLN A 388 7.11 -28.68 -24.43
C GLN A 388 7.21 -27.99 -23.07
N VAL A 389 7.09 -28.79 -22.01
CA VAL A 389 7.18 -28.30 -20.65
C VAL A 389 8.64 -28.00 -20.34
N VAL A 390 8.92 -26.77 -19.90
CA VAL A 390 10.27 -26.36 -19.53
C VAL A 390 10.54 -26.77 -18.09
N PRO A 391 11.44 -27.76 -17.88
CA PRO A 391 11.69 -28.31 -16.55
C PRO A 391 12.08 -27.25 -15.53
N GLY A 392 11.43 -27.30 -14.37
CA GLY A 392 11.71 -26.40 -13.26
C GLY A 392 11.28 -24.96 -13.47
N LEU A 393 10.32 -24.73 -14.36
CA LEU A 393 9.87 -23.37 -14.67
C LEU A 393 8.36 -23.22 -14.67
N TYR A 394 7.86 -22.25 -13.88
CA TYR A 394 6.43 -21.93 -13.81
C TYR A 394 6.22 -20.42 -13.93
N ALA A 395 5.00 -20.03 -14.31
CA ALA A 395 4.64 -18.61 -14.41
C ALA A 395 3.15 -18.40 -14.18
N CYS A 396 2.79 -17.32 -13.48
CA CYS A 396 1.39 -16.99 -13.17
C CYS A 396 1.11 -15.49 -13.03
N GLY A 397 -0.16 -15.11 -13.11
CA GLY A 397 -0.54 -13.70 -13.05
C GLY A 397 -0.49 -13.04 -14.43
N GLU A 398 -0.33 -11.71 -14.44
CA GLU A 398 -0.24 -10.94 -15.69
C GLU A 398 1.03 -11.29 -16.48
N ALA A 399 2.09 -11.60 -15.75
CA ALA A 399 3.35 -12.08 -16.31
C ALA A 399 3.11 -13.27 -17.22
N ALA A 400 2.30 -14.21 -16.76
CA ALA A 400 2.03 -15.43 -17.51
C ALA A 400 1.01 -15.22 -18.62
N CYS A 401 0.87 -16.27 -19.42
CA CYS A 401 -0.12 -16.37 -20.46
C CYS A 401 -0.44 -17.83 -20.67
N ALA A 402 -1.37 -18.34 -19.87
CA ALA A 402 -2.04 -19.62 -20.13
C ALA A 402 -3.17 -19.26 -21.09
N SER A 403 -3.06 -18.04 -21.62
CA SER A 403 -4.15 -17.27 -22.24
C SER A 403 -5.51 -17.78 -21.84
N VAL A 404 -5.83 -17.53 -20.57
CA VAL A 404 -7.16 -17.71 -20.04
C VAL A 404 -7.95 -16.44 -20.39
N HIS A 405 -7.24 -15.45 -20.93
CA HIS A 405 -7.81 -14.14 -21.27
C HIS A 405 -7.86 -13.89 -22.77
N GLY A 406 -7.01 -14.60 -23.52
CA GLY A 406 -7.02 -14.56 -24.99
C GLY A 406 -6.70 -13.22 -25.64
N ALA A 407 -7.61 -12.77 -26.50
CA ALA A 407 -7.45 -11.53 -27.25
C ALA A 407 -7.97 -10.32 -26.48
N ASN A 408 -8.94 -10.57 -25.60
CA ASN A 408 -9.47 -9.51 -24.74
C ASN A 408 -9.82 -10.06 -23.37
N ARG A 409 -9.21 -9.49 -22.34
CA ARG A 409 -9.45 -9.91 -20.98
C ARG A 409 -10.73 -9.32 -20.41
N LEU A 410 -11.58 -10.19 -19.90
CA LEU A 410 -12.84 -9.79 -19.27
C LEU A 410 -12.56 -9.05 -17.96
N GLY A 411 -13.42 -8.07 -17.64
CA GLY A 411 -13.28 -7.29 -16.42
C GLY A 411 -13.46 -8.11 -15.16
N ALA A 412 -12.53 -7.95 -14.21
CA ALA A 412 -12.53 -8.68 -12.93
C ALA A 412 -12.03 -10.12 -13.03
N ASN A 413 -11.23 -10.41 -14.06
CA ASN A 413 -10.69 -11.75 -14.26
C ASN A 413 -9.21 -11.90 -13.91
N SER A 414 -8.49 -10.79 -13.76
CA SER A 414 -7.06 -10.86 -13.45
C SER A 414 -6.80 -11.21 -12.01
N LEU A 415 -7.60 -10.62 -11.12
CA LEU A 415 -7.51 -10.94 -9.70
C LEU A 415 -7.84 -12.42 -9.49
N LEU A 416 -8.75 -12.92 -10.31
CA LEU A 416 -9.11 -14.34 -10.33
C LEU A 416 -7.94 -15.19 -10.82
N ASP A 417 -7.43 -14.80 -11.99
CA ASP A 417 -6.22 -15.35 -12.59
C ASP A 417 -5.14 -15.54 -11.52
N LEU A 418 -4.77 -14.43 -10.87
CA LEU A 418 -3.73 -14.41 -9.85
C LEU A 418 -3.84 -15.59 -8.88
N VAL A 419 -4.94 -15.62 -8.13
CA VAL A 419 -5.16 -16.59 -7.07
C VAL A 419 -5.31 -18.03 -7.58
N VAL A 420 -6.07 -18.19 -8.67
CA VAL A 420 -6.25 -19.51 -9.30
C VAL A 420 -4.91 -20.12 -9.69
N PHE A 421 -4.13 -19.38 -10.46
CA PHE A 421 -2.92 -19.94 -11.04
C PHE A 421 -1.72 -19.89 -10.12
N GLY A 422 -1.69 -18.92 -9.21
CA GLY A 422 -0.73 -18.96 -8.10
C GLY A 422 -0.85 -20.29 -7.38
N ARG A 423 -2.09 -20.65 -7.05
CA ARG A 423 -2.40 -21.90 -6.38
C ARG A 423 -2.04 -23.09 -7.25
N ALA A 424 -2.39 -22.98 -8.54
CA ALA A 424 -2.14 -24.02 -9.52
C ALA A 424 -0.65 -24.36 -9.59
N CYS A 425 0.19 -23.33 -9.66
CA CYS A 425 1.64 -23.53 -9.70
C CYS A 425 2.10 -24.35 -8.49
N ALA A 426 1.67 -23.95 -7.31
CA ALA A 426 2.01 -24.65 -6.07
C ALA A 426 1.55 -26.10 -6.08
N LEU A 427 0.36 -26.34 -6.62
CA LEU A 427 -0.20 -27.69 -6.67
C LEU A 427 0.57 -28.56 -7.67
N SER A 428 0.98 -27.96 -8.78
CA SER A 428 1.73 -28.64 -9.82
C SER A 428 3.06 -29.13 -9.30
N ILE A 429 3.69 -28.32 -8.45
CA ILE A 429 4.96 -28.69 -7.86
C ILE A 429 4.76 -29.77 -6.80
N ALA A 430 3.88 -29.49 -5.84
CA ALA A 430 3.51 -30.45 -4.80
C ALA A 430 3.24 -31.83 -5.37
N GLU A 431 2.47 -31.86 -6.46
CA GLU A 431 2.00 -33.11 -7.03
C GLU A 431 2.95 -33.71 -8.07
N SER A 432 4.11 -33.09 -8.26
CA SER A 432 5.10 -33.65 -9.15
C SER A 432 6.36 -34.07 -8.43
N CYS A 433 6.68 -33.39 -7.33
CA CYS A 433 7.92 -33.70 -6.60
C CYS A 433 7.81 -33.48 -5.09
N ARG A 434 8.87 -33.86 -4.37
CA ARG A 434 8.92 -33.82 -2.90
C ARG A 434 9.82 -32.70 -2.36
N PRO A 435 9.42 -32.08 -1.23
CA PRO A 435 10.33 -31.14 -0.59
C PRO A 435 11.56 -31.87 -0.08
N GLY A 436 12.70 -31.19 -0.13
CA GLY A 436 13.96 -31.77 0.32
C GLY A 436 14.59 -32.70 -0.72
N ASP A 437 14.07 -32.65 -1.95
CA ASP A 437 14.64 -33.41 -3.06
C ASP A 437 15.93 -32.73 -3.55
N LYS A 438 16.66 -33.44 -4.42
CA LYS A 438 17.96 -32.95 -4.90
C LYS A 438 17.80 -31.66 -5.68
N VAL A 439 18.36 -30.59 -5.12
CA VAL A 439 18.34 -29.27 -5.76
C VAL A 439 19.43 -29.26 -6.83
N PRO A 440 19.02 -29.08 -8.10
CA PRO A 440 19.97 -29.27 -9.20
C PRO A 440 21.08 -28.23 -9.18
N SER A 441 22.33 -28.71 -9.24
CA SER A 441 23.50 -27.85 -9.08
C SER A 441 23.75 -26.95 -10.29
N ILE A 442 24.38 -25.81 -10.02
CA ILE A 442 24.64 -24.80 -11.02
C ILE A 442 26.15 -24.63 -11.21
N LYS A 443 26.56 -24.17 -12.40
CA LYS A 443 27.98 -23.88 -12.68
C LYS A 443 28.48 -22.71 -11.81
N PRO A 444 29.74 -22.80 -11.33
CA PRO A 444 30.38 -21.67 -10.64
C PRO A 444 30.34 -20.35 -11.41
N ASN A 445 30.43 -20.43 -12.74
CA ASN A 445 30.39 -19.23 -13.60
C ASN A 445 28.99 -18.63 -13.70
N ALA A 446 27.96 -19.47 -13.48
CA ALA A 446 26.58 -19.15 -13.83
C ALA A 446 26.08 -17.78 -13.37
N GLY A 447 25.34 -17.11 -14.25
CA GLY A 447 24.82 -15.76 -14.01
C GLY A 447 25.84 -14.70 -14.32
N GLU A 448 26.98 -15.15 -14.86
CA GLU A 448 28.15 -14.34 -15.16
C GLU A 448 27.83 -13.06 -15.94
N GLU A 449 27.07 -13.21 -17.02
CA GLU A 449 26.80 -12.10 -17.92
C GLU A 449 25.81 -11.10 -17.33
N SER A 450 24.95 -11.56 -16.43
CA SER A 450 24.00 -10.70 -15.75
C SER A 450 24.73 -9.68 -14.90
N VAL A 451 25.76 -10.16 -14.19
CA VAL A 451 26.68 -9.33 -13.41
C VAL A 451 27.49 -8.40 -14.32
N MET A 452 27.97 -8.95 -15.44
CA MET A 452 28.68 -8.19 -16.47
C MET A 452 27.80 -7.10 -17.09
N ASN A 453 26.54 -7.43 -17.33
CA ASN A 453 25.56 -6.48 -17.81
C ASN A 453 25.30 -5.42 -16.76
N LEU A 454 25.27 -5.85 -15.50
CA LEU A 454 25.07 -4.98 -14.35
C LEU A 454 26.17 -3.94 -14.29
N ASP A 455 27.41 -4.42 -14.32
CA ASP A 455 28.62 -3.60 -14.20
C ASP A 455 28.71 -2.54 -15.28
N LYS A 456 28.44 -2.94 -16.53
CA LYS A 456 28.46 -2.04 -17.67
C LYS A 456 27.46 -0.90 -17.51
N LEU A 457 26.27 -1.25 -17.01
CA LEU A 457 25.22 -0.26 -16.76
C LEU A 457 25.49 0.62 -15.53
N ARG A 458 26.20 0.05 -14.56
CA ARG A 458 26.55 0.75 -13.33
C ARG A 458 27.50 1.93 -13.60
N PHE A 459 28.30 1.80 -14.67
CA PHE A 459 29.29 2.81 -15.02
C PHE A 459 29.08 3.41 -16.42
N ALA A 460 27.86 3.34 -16.93
CA ALA A 460 27.48 3.85 -18.26
C ALA A 460 27.77 5.35 -18.45
N ASN A 461 28.41 5.66 -19.58
CA ASN A 461 28.91 7.01 -19.89
C ASN A 461 28.42 7.66 -21.19
N GLY A 462 27.58 6.94 -21.93
CA GLY A 462 27.19 7.35 -23.28
C GLY A 462 26.50 8.70 -23.47
N THR A 463 26.02 8.92 -24.68
CA THR A 463 25.40 10.18 -25.08
C THR A 463 23.95 10.35 -24.59
N ILE A 464 23.21 9.24 -24.43
CA ILE A 464 21.79 9.30 -24.06
C ILE A 464 21.53 8.78 -22.64
N ARG A 465 20.75 9.54 -21.89
CA ARG A 465 20.42 9.23 -20.51
C ARG A 465 19.12 8.40 -20.41
N THR A 466 19.09 7.44 -19.48
CA THR A 466 17.99 6.48 -19.33
C THR A 466 16.60 7.08 -19.53
N SER A 467 16.33 8.19 -18.84
CA SER A 467 15.01 8.80 -18.89
C SER A 467 14.62 9.31 -20.27
N GLU A 468 15.61 9.78 -21.03
CA GLU A 468 15.37 10.27 -22.38
C GLU A 468 14.97 9.12 -23.30
N LEU A 469 15.75 8.04 -23.26
CA LEU A 469 15.51 6.83 -24.05
C LEU A 469 14.17 6.16 -23.71
N ARG A 470 13.87 6.05 -22.42
CA ARG A 470 12.60 5.52 -21.93
C ARG A 470 11.42 6.30 -22.48
N LEU A 471 11.55 7.62 -22.52
CA LEU A 471 10.50 8.51 -23.04
C LEU A 471 10.31 8.38 -24.55
N SER A 472 11.39 8.01 -25.24
CA SER A 472 11.35 7.80 -26.69
C SER A 472 10.54 6.55 -27.03
N MET A 473 10.86 5.45 -26.34
CA MET A 473 10.15 4.18 -26.46
C MET A 473 8.67 4.33 -26.11
N GLN A 474 8.39 5.07 -25.04
CA GLN A 474 7.03 5.29 -24.56
C GLN A 474 6.14 6.06 -25.53
N LYS A 475 6.67 7.14 -26.12
CA LYS A 475 5.88 7.94 -27.05
C LYS A 475 5.71 7.24 -28.39
N SER A 476 6.70 6.42 -28.75
CA SER A 476 6.66 5.63 -30.00
C SER A 476 5.61 4.53 -29.94
N MET A 477 5.61 3.78 -28.85
CA MET A 477 4.61 2.74 -28.62
C MET A 477 3.23 3.38 -28.57
N GLN A 478 3.17 4.56 -27.99
CA GLN A 478 1.93 5.30 -27.81
C GLN A 478 1.30 5.73 -29.14
N SER A 479 2.15 6.09 -30.10
CA SER A 479 1.66 6.64 -31.37
C SER A 479 1.57 5.62 -32.53
N HIS A 480 2.31 4.51 -32.42
CA HIS A 480 2.34 3.49 -33.48
C HIS A 480 1.62 2.18 -33.12
N ALA A 481 1.44 1.94 -31.81
CA ALA A 481 0.82 0.71 -31.33
C ALA A 481 -0.36 1.02 -30.39
N ALA A 482 -1.24 1.90 -30.85
CA ALA A 482 -2.39 2.34 -30.07
C ALA A 482 -3.61 1.46 -30.31
N VAL A 483 -4.79 2.02 -30.04
CA VAL A 483 -6.07 1.33 -30.19
C VAL A 483 -6.23 0.79 -31.62
N PHE A 484 -6.20 1.69 -32.59
CA PHE A 484 -6.18 1.30 -34.00
C PHE A 484 -4.75 1.34 -34.53
N ARG A 485 -4.43 0.42 -35.42
CA ARG A 485 -3.11 0.38 -36.04
C ARG A 485 -3.16 -0.09 -37.49
N VAL A 486 -2.30 0.51 -38.32
CA VAL A 486 -2.21 0.18 -39.74
C VAL A 486 -0.79 -0.31 -40.01
N GLY A 487 -0.66 -1.18 -41.01
CA GLY A 487 0.63 -1.77 -41.39
C GLY A 487 1.76 -0.77 -41.60
N SER A 488 1.42 0.39 -42.16
CA SER A 488 2.39 1.46 -42.42
C SER A 488 2.93 2.09 -41.12
N VAL A 489 2.02 2.44 -40.21
CA VAL A 489 2.37 3.04 -38.92
C VAL A 489 3.11 2.02 -38.04
N LEU A 490 2.65 0.77 -38.06
CA LEU A 490 3.33 -0.32 -37.36
C LEU A 490 4.74 -0.53 -37.92
N GLN A 491 4.87 -0.47 -39.24
CA GLN A 491 6.17 -0.58 -39.91
C GLN A 491 7.16 0.48 -39.42
N GLU A 492 6.71 1.74 -39.42
CA GLU A 492 7.52 2.85 -38.93
C GLU A 492 7.88 2.64 -37.46
N GLY A 493 6.88 2.28 -36.66
CA GLY A 493 7.09 1.96 -35.25
C GLY A 493 8.10 0.86 -35.01
N CYS A 494 8.05 -0.17 -35.86
CA CYS A 494 8.93 -1.33 -35.75
C CYS A 494 10.38 -0.93 -35.84
N GLU A 495 10.74 -0.27 -36.94
CA GLU A 495 12.12 0.19 -37.16
C GLU A 495 12.50 1.31 -36.20
N LYS A 496 11.50 2.09 -35.78
CA LYS A 496 11.69 3.16 -34.79
C LYS A 496 12.18 2.58 -33.48
N ILE A 497 11.48 1.55 -33.00
CA ILE A 497 11.85 0.81 -31.79
C ILE A 497 13.19 0.07 -31.95
N LEU A 498 13.35 -0.67 -33.06
CA LEU A 498 14.58 -1.43 -33.32
C LEU A 498 15.82 -0.53 -33.25
N ARG A 499 15.70 0.68 -33.80
CA ARG A 499 16.77 1.67 -33.74
CA ARG A 499 16.79 1.66 -33.75
C ARG A 499 17.04 2.07 -32.29
N LEU A 500 15.96 2.27 -31.53
CA LEU A 500 16.05 2.64 -30.12
C LEU A 500 16.68 1.53 -29.28
N TYR A 501 16.51 0.27 -29.70
CA TYR A 501 17.19 -0.85 -29.06
C TYR A 501 18.70 -0.75 -29.25
N GLY A 502 19.11 -0.28 -30.43
CA GLY A 502 20.52 -0.05 -30.71
C GLY A 502 21.07 0.96 -29.72
N ASP A 503 20.32 2.04 -29.53
CA ASP A 503 20.69 3.17 -28.65
C ASP A 503 21.02 2.76 -27.21
N LEU A 504 20.64 1.54 -26.82
CA LEU A 504 20.88 1.06 -25.47
C LEU A 504 22.37 0.98 -25.08
N GLN A 505 23.26 0.99 -26.07
CA GLN A 505 24.69 1.05 -25.74
C GLN A 505 25.27 2.47 -25.88
N HIS A 506 24.38 3.46 -25.80
CA HIS A 506 24.75 4.86 -25.69
C HIS A 506 24.23 5.41 -24.36
N LEU A 507 24.01 4.52 -23.39
CA LEU A 507 23.33 4.88 -22.15
C LEU A 507 24.19 5.68 -21.18
N LYS A 508 23.57 6.71 -20.59
CA LYS A 508 24.20 7.52 -19.56
C LYS A 508 23.58 7.24 -18.20
N THR A 509 24.37 6.65 -17.33
CA THR A 509 24.04 6.54 -15.91
C THR A 509 24.90 7.56 -15.14
N PHE A 510 24.35 8.10 -14.05
CA PHE A 510 25.05 9.10 -13.21
C PHE A 510 25.43 8.55 -11.84
N ASP A 511 24.56 7.72 -11.25
CA ASP A 511 24.81 7.14 -9.94
C ASP A 511 25.74 5.95 -10.05
N ARG A 512 26.65 5.83 -9.09
CA ARG A 512 27.67 4.78 -9.11
C ARG A 512 27.87 4.09 -7.76
N GLY A 513 26.82 4.09 -6.94
CA GLY A 513 26.88 3.49 -5.61
C GLY A 513 26.32 2.08 -5.58
N MET A 514 26.55 1.40 -4.47
CA MET A 514 26.06 0.03 -4.27
C MET A 514 24.67 0.01 -3.64
N VAL A 515 24.41 1.00 -2.79
CA VAL A 515 23.17 1.08 -2.03
C VAL A 515 22.13 1.85 -2.82
N TRP A 516 20.97 1.23 -2.99
CA TRP A 516 19.79 1.89 -3.55
C TRP A 516 20.09 2.75 -4.79
N ASN A 517 20.74 2.13 -5.75
CA ASN A 517 21.07 2.79 -7.00
C ASN A 517 19.86 2.79 -7.94
N THR A 518 18.85 3.61 -7.62
CA THR A 518 17.64 3.62 -8.45
C THR A 518 17.88 4.16 -9.86
N ASP A 519 19.09 4.64 -10.11
CA ASP A 519 19.50 5.05 -11.46
C ASP A 519 19.73 3.79 -12.29
N LEU A 520 20.47 2.86 -11.71
CA LEU A 520 20.87 1.61 -12.34
C LEU A 520 19.68 0.67 -12.57
N VAL A 521 18.81 0.54 -11.58
CA VAL A 521 17.68 -0.39 -11.69
C VAL A 521 16.70 0.08 -12.74
N GLU A 522 16.43 1.38 -12.78
CA GLU A 522 15.50 1.91 -13.76
C GLU A 522 16.07 1.80 -15.18
N THR A 523 17.37 1.54 -15.26
CA THR A 523 18.07 1.26 -16.52
C THR A 523 17.95 -0.23 -16.87
N LEU A 524 18.14 -1.10 -15.88
CA LEU A 524 17.84 -2.53 -15.99
C LEU A 524 16.37 -2.76 -16.36
N GLU A 525 15.51 -1.92 -15.80
CA GLU A 525 14.08 -1.92 -16.14
C GLU A 525 13.86 -1.50 -17.58
N LEU A 526 14.73 -0.63 -18.09
CA LEU A 526 14.63 -0.14 -19.46
C LEU A 526 15.05 -1.20 -20.49
N GLN A 527 16.14 -1.90 -20.18
CA GLN A 527 16.55 -3.05 -20.98
C GLN A 527 15.36 -4.01 -21.08
N ASN A 528 14.71 -4.23 -19.94
CA ASN A 528 13.58 -5.16 -19.83
C ASN A 528 12.37 -4.70 -20.62
N LEU A 529 12.02 -3.42 -20.48
CA LEU A 529 10.90 -2.84 -21.18
C LEU A 529 11.09 -2.84 -22.70
N MET A 530 12.31 -2.59 -23.15
CA MET A 530 12.65 -2.61 -24.57
C MET A 530 12.33 -3.94 -25.25
N LEU A 531 12.85 -5.03 -24.69
CA LEU A 531 12.54 -6.38 -25.15
C LEU A 531 11.03 -6.60 -25.23
N CYS A 532 10.31 -6.16 -24.20
CA CYS A 532 8.86 -6.31 -24.15
C CYS A 532 8.18 -5.56 -25.27
N ALA A 533 8.65 -4.32 -25.52
CA ALA A 533 8.09 -3.47 -26.56
C ALA A 533 8.43 -3.99 -27.95
N LEU A 534 9.70 -4.32 -28.15
CA LEU A 534 10.20 -4.84 -29.40
C LEU A 534 9.34 -6.01 -29.89
N GLN A 535 8.99 -6.91 -28.97
CA GLN A 535 8.17 -8.07 -29.29
C GLN A 535 6.71 -7.71 -29.46
N THR A 536 6.25 -6.73 -28.69
CA THR A 536 4.86 -6.26 -28.80
C THR A 536 4.58 -5.73 -30.20
N ILE A 537 5.47 -4.85 -30.67
CA ILE A 537 5.29 -4.09 -31.92
C ILE A 537 5.44 -4.94 -33.18
N TYR A 538 6.46 -5.80 -33.23
CA TYR A 538 6.69 -6.67 -34.38
C TYR A 538 5.59 -7.69 -34.51
N GLY A 539 5.12 -8.20 -33.38
CA GLY A 539 4.01 -9.13 -33.34
C GLY A 539 2.76 -8.47 -33.88
N ALA A 540 2.59 -7.20 -33.51
CA ALA A 540 1.44 -6.40 -33.94
C ALA A 540 1.42 -6.23 -35.44
N GLU A 541 2.58 -5.93 -36.03
CA GLU A 541 2.68 -5.68 -37.47
C GLU A 541 2.33 -6.94 -38.26
N ALA A 542 2.73 -8.10 -37.73
CA ALA A 542 2.53 -9.38 -38.41
C ALA A 542 1.07 -9.83 -38.43
N ARG A 543 0.36 -9.64 -37.31
CA ARG A 543 -1.03 -10.08 -37.21
C ARG A 543 -1.94 -9.22 -38.10
N LYS A 544 -2.24 -9.76 -39.28
CA LYS A 544 -3.04 -9.06 -40.27
C LYS A 544 -4.52 -9.44 -40.18
N GLU A 545 -5.13 -9.04 -39.06
CA GLU A 545 -6.54 -9.30 -38.77
C GLU A 545 -7.03 -8.36 -37.66
N SER A 546 -8.33 -8.41 -37.35
CA SER A 546 -8.89 -7.68 -36.20
C SER A 546 -9.51 -8.63 -35.17
N ARG A 547 -8.67 -9.11 -34.25
CA ARG A 547 -9.12 -10.00 -33.18
C ARG A 547 -8.98 -9.37 -31.80
N GLY A 548 -10.10 -9.23 -31.09
CA GLY A 548 -10.12 -8.67 -29.75
C GLY A 548 -9.53 -7.27 -29.69
N ALA A 549 -8.56 -7.09 -28.81
CA ALA A 549 -7.93 -5.79 -28.57
C ALA A 549 -7.09 -5.31 -29.76
N HIS A 550 -6.52 -6.25 -30.51
CA HIS A 550 -5.69 -5.93 -31.65
C HIS A 550 -6.55 -5.66 -32.88
N ALA A 551 -6.78 -4.38 -33.18
CA ALA A 551 -7.58 -4.01 -34.34
C ALA A 551 -6.71 -3.38 -35.43
N ARG A 552 -6.76 -4.00 -36.61
CA ARG A 552 -6.07 -3.48 -37.80
C ARG A 552 -7.07 -2.76 -38.70
N GLU A 553 -6.69 -1.55 -39.09
CA GLU A 553 -7.47 -0.73 -40.01
C GLU A 553 -7.49 -1.37 -41.39
N ASP A 554 -6.35 -1.91 -41.82
CA ASP A 554 -6.21 -2.56 -43.12
C ASP A 554 -6.88 -3.94 -43.22
N PHE A 555 -6.94 -4.66 -42.10
CA PHE A 555 -7.57 -5.98 -42.05
C PHE A 555 -8.55 -6.05 -40.90
N LYS A 556 -9.74 -5.49 -41.11
CA LYS A 556 -10.76 -5.43 -40.06
C LYS A 556 -11.59 -6.71 -39.92
N GLU A 557 -11.01 -7.85 -40.29
CA GLU A 557 -11.73 -9.12 -40.27
C GLU A 557 -11.10 -10.13 -39.32
N ARG A 558 -11.95 -10.83 -38.57
CA ARG A 558 -11.52 -11.99 -37.81
C ARG A 558 -11.13 -13.11 -38.76
N VAL A 559 -9.85 -13.44 -38.79
CA VAL A 559 -9.35 -14.49 -39.69
C VAL A 559 -9.20 -15.84 -38.97
N ASP A 560 -10.19 -16.72 -39.15
CA ASP A 560 -10.24 -18.03 -38.50
C ASP A 560 -10.00 -19.17 -39.49
N GLU A 561 -9.96 -20.40 -38.97
CA GLU A 561 -9.83 -21.60 -39.81
C GLU A 561 -11.05 -21.74 -40.73
N TYR A 562 -12.15 -21.11 -40.36
CA TYR A 562 -13.35 -21.10 -41.18
C TYR A 562 -13.90 -19.70 -41.35
N ASP A 563 -15.10 -19.61 -41.92
CA ASP A 563 -15.90 -18.41 -41.87
C ASP A 563 -17.10 -18.74 -41.00
N TYR A 564 -17.00 -18.37 -39.72
CA TYR A 564 -18.01 -18.74 -38.74
C TYR A 564 -19.27 -17.88 -38.76
N SER A 565 -19.39 -17.02 -39.77
CA SER A 565 -20.62 -16.24 -39.96
C SER A 565 -21.73 -17.12 -40.56
N LYS A 566 -21.33 -18.18 -41.26
CA LYS A 566 -22.27 -19.22 -41.71
C LYS A 566 -21.78 -20.61 -41.24
N PRO A 567 -22.69 -21.61 -41.16
CA PRO A 567 -22.30 -22.93 -40.65
C PRO A 567 -21.19 -23.59 -41.46
N ILE A 568 -20.39 -24.44 -40.80
CA ILE A 568 -19.21 -25.06 -41.42
C ILE A 568 -19.55 -26.26 -42.32
N GLN A 569 -18.55 -27.12 -42.54
CA GLN A 569 -18.69 -28.35 -43.34
C GLN A 569 -18.66 -28.08 -44.84
N GLY A 570 -19.73 -27.45 -45.35
CA GLY A 570 -19.76 -26.96 -46.72
C GLY A 570 -18.62 -25.98 -46.98
N GLN A 571 -17.77 -25.85 -45.96
CA GLN A 571 -16.61 -24.98 -45.99
C GLN A 571 -15.34 -25.81 -45.90
N GLN A 572 -14.30 -25.35 -46.59
CA GLN A 572 -13.01 -26.01 -46.54
C GLN A 572 -12.10 -25.31 -45.54
N LYS A 573 -11.55 -26.09 -44.61
CA LYS A 573 -10.72 -25.61 -43.52
C LYS A 573 -9.37 -25.09 -44.00
N LYS A 574 -9.08 -23.83 -43.71
CA LYS A 574 -7.78 -23.24 -44.01
C LYS A 574 -6.66 -23.94 -43.24
N PRO A 575 -5.48 -24.12 -43.86
CA PRO A 575 -4.34 -24.74 -43.16
C PRO A 575 -3.75 -23.77 -42.14
N PHE A 576 -2.91 -24.28 -41.25
CA PHE A 576 -2.45 -23.52 -40.10
C PHE A 576 -1.95 -22.10 -40.43
N GLN A 577 -0.91 -22.00 -41.27
CA GLN A 577 -0.32 -20.70 -41.61
C GLN A 577 -1.10 -19.90 -42.65
N GLU A 578 -2.40 -20.20 -42.79
CA GLU A 578 -3.23 -19.46 -43.71
C GLU A 578 -4.35 -18.70 -43.00
N HIS A 579 -4.64 -19.09 -41.75
CA HIS A 579 -5.56 -18.33 -40.89
C HIS A 579 -4.80 -17.69 -39.71
N TRP A 580 -5.48 -16.87 -38.92
CA TRP A 580 -4.82 -16.13 -37.84
C TRP A 580 -5.19 -16.55 -36.41
N ARG A 581 -6.17 -17.45 -36.28
CA ARG A 581 -6.61 -17.93 -34.98
C ARG A 581 -5.58 -18.86 -34.34
N LYS A 582 -4.48 -18.26 -33.90
CA LYS A 582 -3.32 -18.98 -33.36
C LYS A 582 -2.49 -18.04 -32.48
N HIS A 583 -1.72 -18.61 -31.57
CA HIS A 583 -0.91 -17.84 -30.63
C HIS A 583 0.39 -17.34 -31.24
N THR A 584 0.66 -16.05 -31.06
CA THR A 584 1.91 -15.45 -31.49
C THR A 584 3.02 -15.79 -30.50
N LEU A 585 4.06 -16.43 -31.00
CA LEU A 585 5.23 -16.76 -30.20
C LEU A 585 6.42 -15.93 -30.65
N SER A 586 6.89 -15.04 -29.78
CA SER A 586 7.98 -14.13 -30.13
C SER A 586 9.29 -14.46 -29.41
N TYR A 587 10.38 -14.24 -30.14
CA TYR A 587 11.74 -14.38 -29.63
C TYR A 587 12.48 -13.10 -29.95
N VAL A 588 13.70 -12.97 -29.44
CA VAL A 588 14.59 -11.89 -29.88
C VAL A 588 16.06 -12.22 -29.62
N ASP A 589 16.87 -12.10 -30.66
CA ASP A 589 18.32 -12.17 -30.50
C ASP A 589 18.71 -10.89 -29.76
N VAL A 590 19.19 -11.08 -28.54
CA VAL A 590 19.47 -9.99 -27.62
C VAL A 590 20.46 -9.00 -28.24
N LYS A 591 21.56 -9.50 -28.80
CA LYS A 591 22.60 -8.66 -29.37
C LYS A 591 22.04 -7.75 -30.47
N THR A 592 21.47 -8.36 -31.51
CA THR A 592 20.94 -7.61 -32.66
C THR A 592 19.65 -6.85 -32.34
N GLY A 593 18.79 -7.47 -31.53
CA GLY A 593 17.45 -6.93 -31.29
C GLY A 593 16.47 -7.35 -32.35
N LYS A 594 16.81 -8.40 -33.09
CA LYS A 594 15.94 -8.91 -34.15
C LYS A 594 14.86 -9.82 -33.58
N VAL A 595 13.61 -9.47 -33.86
CA VAL A 595 12.46 -10.26 -33.46
C VAL A 595 12.19 -11.32 -34.52
N SER A 596 11.98 -12.55 -34.08
CA SER A 596 11.47 -13.61 -34.95
C SER A 596 10.24 -14.26 -34.30
N LEU A 597 9.24 -14.54 -35.12
CA LEU A 597 7.95 -15.00 -34.63
C LEU A 597 7.64 -16.42 -35.07
N GLU A 598 6.81 -17.10 -34.30
CA GLU A 598 6.27 -18.41 -34.65
C GLU A 598 4.85 -18.46 -34.14
N TYR A 599 4.19 -19.60 -34.30
CA TYR A 599 2.80 -19.75 -33.86
C TYR A 599 2.48 -21.15 -33.34
N ARG A 600 1.63 -21.20 -32.32
CA ARG A 600 1.06 -22.44 -31.84
C ARG A 600 -0.45 -22.31 -31.78
N PRO A 601 -1.16 -23.44 -31.91
CA PRO A 601 -2.63 -23.42 -31.94
C PRO A 601 -3.24 -23.12 -30.57
N VAL A 602 -4.43 -22.51 -30.58
CA VAL A 602 -5.22 -22.34 -29.35
C VAL A 602 -5.78 -23.70 -28.92
N ILE A 603 -6.06 -23.86 -27.63
CA ILE A 603 -6.67 -25.09 -27.17
C ILE A 603 -8.18 -24.92 -27.11
N ASP A 604 -8.91 -25.89 -27.66
CA ASP A 604 -10.36 -25.81 -27.76
C ASP A 604 -11.07 -26.87 -26.94
N LYS A 605 -10.44 -28.03 -26.80
CA LYS A 605 -10.91 -29.05 -25.87
C LYS A 605 -10.82 -28.53 -24.44
N THR A 606 -11.93 -28.60 -23.71
CA THR A 606 -11.95 -28.26 -22.29
C THR A 606 -11.33 -29.40 -21.50
N LEU A 607 -11.51 -29.41 -20.19
CA LEU A 607 -11.00 -30.51 -19.38
C LEU A 607 -11.96 -31.70 -19.32
N ASN A 608 -13.19 -31.49 -19.78
CA ASN A 608 -14.20 -32.55 -19.85
C ASN A 608 -15.41 -32.05 -20.62
N GLU A 609 -15.62 -32.60 -21.81
CA GLU A 609 -16.71 -32.17 -22.66
C GLU A 609 -18.06 -32.34 -21.94
N ALA A 610 -18.16 -33.40 -21.13
CA ALA A 610 -19.36 -33.73 -20.38
C ALA A 610 -19.71 -32.68 -19.32
N ASP A 611 -18.67 -32.16 -18.65
CA ASP A 611 -18.85 -31.18 -17.59
C ASP A 611 -18.98 -29.75 -18.11
N CYS A 612 -18.31 -29.48 -19.22
CA CYS A 612 -18.18 -28.14 -19.75
C CYS A 612 -17.97 -28.21 -21.25
N ALA A 613 -19.00 -27.87 -22.02
CA ALA A 613 -18.96 -27.99 -23.47
C ALA A 613 -17.99 -26.99 -24.06
N THR A 614 -17.29 -27.39 -25.13
CA THR A 614 -16.44 -26.48 -25.92
C THR A 614 -17.33 -25.47 -26.63
N VAL A 615 -16.95 -24.20 -26.54
CA VAL A 615 -17.68 -23.16 -27.26
C VAL A 615 -16.95 -22.80 -28.56
N PRO A 616 -17.52 -23.24 -29.70
CA PRO A 616 -16.93 -23.01 -31.02
C PRO A 616 -17.01 -21.54 -31.39
N PRO A 617 -16.02 -21.05 -32.18
CA PRO A 617 -16.01 -19.66 -32.63
C PRO A 617 -17.32 -19.21 -33.28
N ALA A 618 -17.60 -17.91 -33.22
CA ALA A 618 -18.83 -17.33 -33.79
C ALA A 618 -18.64 -15.85 -34.07
N ILE A 619 -19.69 -15.19 -34.55
CA ILE A 619 -19.72 -13.73 -34.61
C ILE A 619 -19.81 -13.20 -33.17
N ARG A 620 -18.99 -12.20 -32.86
CA ARG A 620 -18.88 -11.66 -31.51
C ARG A 620 -19.34 -10.19 -31.43
N SER A 621 -20.59 -9.99 -31.03
CA SER A 621 -21.19 -8.65 -30.95
C SER A 621 -21.89 -8.41 -29.61
N TYR A 622 -21.78 -7.18 -29.11
CA TYR A 622 -22.34 -6.82 -27.79
C TYR A 622 -23.46 -5.78 -27.86
N ALA B 8 6.24 31.74 -21.24
CA ALA B 8 5.92 32.22 -19.86
C ALA B 8 6.39 31.22 -18.79
N PRO B 9 7.62 31.40 -18.25
CA PRO B 9 8.15 30.50 -17.21
C PRO B 9 7.45 30.65 -15.85
N ARG B 10 7.80 29.78 -14.91
CA ARG B 10 7.22 29.77 -13.56
C ARG B 10 7.96 28.75 -12.69
N ILE B 11 8.93 29.24 -11.91
CA ILE B 11 9.92 28.37 -11.27
C ILE B 11 9.72 28.21 -9.75
N LYS B 12 9.86 26.98 -9.28
CA LYS B 12 9.75 26.64 -7.85
C LYS B 12 11.06 26.03 -7.32
N LYS B 13 11.33 26.25 -6.04
CA LYS B 13 12.54 25.74 -5.39
C LYS B 13 12.25 24.54 -4.49
N PHE B 14 13.17 23.59 -4.48
CA PHE B 14 13.03 22.37 -3.68
C PHE B 14 14.28 22.08 -2.85
N ALA B 15 14.16 22.26 -1.54
CA ALA B 15 15.21 21.87 -0.61
C ALA B 15 15.01 20.40 -0.24
N ILE B 16 16.02 19.56 -0.48
CA ILE B 16 15.88 18.11 -0.31
C ILE B 16 17.03 17.44 0.44
N TYR B 17 16.68 16.72 1.51
CA TYR B 17 17.62 15.94 2.32
C TYR B 17 18.39 14.95 1.46
N ARG B 18 19.72 14.91 1.60
CA ARG B 18 20.55 13.99 0.83
C ARG B 18 21.54 13.24 1.69
N TRP B 19 21.77 11.98 1.37
CA TRP B 19 22.83 11.20 2.02
C TRP B 19 23.26 9.99 1.22
N ASP B 20 24.51 10.03 0.75
CA ASP B 20 25.13 8.93 0.03
C ASP B 20 25.92 8.07 1.02
N PRO B 21 25.49 6.81 1.25
CA PRO B 21 26.28 5.91 2.08
C PRO B 21 27.54 5.44 1.35
N ASP B 22 27.58 5.69 0.04
CA ASP B 22 28.66 5.23 -0.83
C ASP B 22 29.71 6.32 -1.12
N LYS B 23 29.53 7.50 -0.54
CA LYS B 23 30.49 8.59 -0.65
C LYS B 23 31.15 8.80 0.71
N THR B 24 32.37 8.27 0.87
CA THR B 24 33.05 8.23 2.19
C THR B 24 32.94 9.55 2.94
N GLY B 25 32.59 9.45 4.21
CA GLY B 25 32.43 10.63 5.06
C GLY B 25 31.47 11.68 4.54
N ASP B 26 30.36 11.23 3.95
CA ASP B 26 29.30 12.16 3.56
C ASP B 26 28.43 12.44 4.78
N LYS B 27 28.08 13.71 4.96
CA LYS B 27 27.25 14.13 6.07
C LYS B 27 25.86 14.54 5.57
N PRO B 28 24.81 14.21 6.34
CA PRO B 28 23.43 14.55 5.96
C PRO B 28 23.25 16.04 5.67
N HIS B 29 22.98 16.38 4.40
CA HIS B 29 22.85 17.77 3.99
C HIS B 29 21.68 17.98 3.03
N MET B 30 21.23 19.22 2.91
CA MET B 30 20.18 19.56 1.96
C MET B 30 20.76 19.92 0.59
N GLN B 31 19.95 19.77 -0.44
CA GLN B 31 20.32 20.17 -1.80
C GLN B 31 19.13 20.83 -2.47
N THR B 32 19.40 21.92 -3.19
CA THR B 32 18.36 22.72 -3.82
C THR B 32 18.26 22.42 -5.32
N TYR B 33 17.02 22.36 -5.82
CA TYR B 33 16.75 22.20 -7.23
C TYR B 33 15.67 23.21 -7.63
N GLU B 34 15.54 23.45 -8.93
CA GLU B 34 14.58 24.42 -9.45
C GLU B 34 13.85 23.83 -10.64
N ILE B 35 12.53 23.99 -10.63
CA ILE B 35 11.68 23.32 -11.61
C ILE B 35 10.68 24.30 -12.21
N ASP B 36 10.62 24.37 -13.53
CA ASP B 36 9.55 25.12 -14.16
C ASP B 36 8.25 24.33 -14.00
N LEU B 37 7.36 24.83 -13.16
CA LEU B 37 6.12 24.14 -12.81
C LEU B 37 5.18 23.95 -14.00
N ASN B 38 5.41 24.72 -15.06
CA ASN B 38 4.69 24.53 -16.31
C ASN B 38 5.04 23.22 -17.03
N ASN B 39 6.25 22.72 -16.76
CA ASN B 39 6.70 21.44 -17.29
C ASN B 39 6.62 20.33 -16.24
N CYS B 40 5.53 20.33 -15.47
CA CYS B 40 5.39 19.38 -14.36
C CYS B 40 3.94 19.12 -13.98
N GLY B 41 3.68 17.88 -13.56
CA GLY B 41 2.38 17.52 -12.97
C GLY B 41 2.24 18.14 -11.58
N PRO B 42 0.99 18.28 -11.11
CA PRO B 42 0.68 19.03 -9.89
C PRO B 42 1.37 18.51 -8.62
N MET B 43 1.66 17.22 -8.56
CA MET B 43 2.10 16.58 -7.31
C MET B 43 3.59 16.67 -7.04
N VAL B 44 3.94 16.60 -5.76
CA VAL B 44 5.33 16.69 -5.31
C VAL B 44 6.17 15.56 -5.88
N LEU B 45 5.55 14.40 -6.08
CA LEU B 45 6.23 13.26 -6.71
C LEU B 45 6.59 13.60 -8.15
N ASP B 46 5.62 14.11 -8.90
CA ASP B 46 5.86 14.54 -10.28
C ASP B 46 7.17 15.30 -10.37
N ALA B 47 7.32 16.25 -9.44
CA ALA B 47 8.52 17.07 -9.32
C ALA B 47 9.75 16.22 -9.03
N LEU B 48 9.66 15.38 -7.99
CA LEU B 48 10.74 14.46 -7.62
C LEU B 48 11.22 13.62 -8.80
N ILE B 49 10.27 13.01 -9.52
CA ILE B 49 10.53 12.27 -10.75
C ILE B 49 11.19 13.16 -11.80
N LYS B 50 10.64 14.36 -12.01
CA LYS B 50 11.17 15.29 -13.02
C LYS B 50 12.62 15.71 -12.75
N ILE B 51 12.98 15.94 -11.48
CA ILE B 51 14.37 16.25 -11.14
C ILE B 51 15.24 15.00 -11.27
N LYS B 52 14.65 13.84 -11.00
CA LYS B 52 15.34 12.56 -11.17
C LYS B 52 15.69 12.34 -12.64
N ASN B 53 14.66 12.48 -13.49
CA ASN B 53 14.75 12.26 -14.93
C ASN B 53 15.63 13.26 -15.68
N GLU B 54 15.72 14.49 -15.18
CA GLU B 54 16.36 15.56 -15.92
C GLU B 54 17.57 16.18 -15.22
N ILE B 55 17.41 16.57 -13.96
CA ILE B 55 18.43 17.34 -13.25
C ILE B 55 19.43 16.45 -12.49
N ASP B 56 18.93 15.43 -11.80
CA ASP B 56 19.79 14.56 -11.00
C ASP B 56 19.16 13.19 -10.70
N SER B 57 19.81 12.15 -11.20
CA SER B 57 19.38 10.77 -10.96
C SER B 57 20.26 10.10 -9.89
N THR B 58 20.92 10.92 -9.06
CA THR B 58 21.52 10.42 -7.82
C THR B 58 20.44 10.50 -6.75
N LEU B 59 19.36 11.23 -7.06
CA LEU B 59 18.20 11.33 -6.18
C LEU B 59 17.46 9.99 -6.07
N THR B 60 17.32 9.52 -4.84
CA THR B 60 16.81 8.18 -4.57
C THR B 60 15.61 8.21 -3.63
N PHE B 61 14.47 7.74 -4.13
CA PHE B 61 13.24 7.69 -3.34
C PHE B 61 12.39 6.50 -3.78
N ARG B 62 11.53 6.02 -2.87
CA ARG B 62 10.58 4.95 -3.20
C ARG B 62 9.34 5.53 -3.83
N ARG B 63 8.82 4.83 -4.85
CA ARG B 63 7.58 5.21 -5.51
C ARG B 63 7.04 4.03 -6.31
N SER B 64 5.77 4.09 -6.69
CA SER B 64 5.19 3.01 -7.50
C SER B 64 3.88 3.42 -8.17
N CYS B 65 2.79 3.42 -7.41
CA CYS B 65 1.44 3.59 -7.98
C CYS B 65 1.13 4.98 -8.52
N ARG B 66 1.89 5.97 -8.04
CA ARG B 66 1.59 7.40 -8.27
C ARG B 66 0.07 7.68 -8.27
N GLU B 67 -0.58 7.30 -7.18
CA GLU B 67 -2.03 7.26 -7.08
C GLU B 67 -2.44 7.26 -5.62
N GLY B 68 -1.50 6.90 -4.75
CA GLY B 68 -1.69 6.95 -3.31
C GLY B 68 -2.36 5.74 -2.68
N ILE B 69 -2.11 4.54 -3.22
CA ILE B 69 -2.62 3.30 -2.60
C ILE B 69 -1.52 2.33 -2.18
N CYS B 70 -0.38 2.37 -2.86
CA CYS B 70 0.73 1.47 -2.51
C CYS B 70 1.34 1.85 -1.17
N GLY B 71 1.42 3.14 -0.90
CA GLY B 71 2.07 3.66 0.30
C GLY B 71 3.57 3.79 0.16
N SER B 72 4.03 4.07 -1.05
CA SER B 72 5.45 4.06 -1.36
C SER B 72 6.18 5.39 -1.12
N CYS B 73 5.57 6.51 -1.52
CA CYS B 73 6.13 7.84 -1.29
C CYS B 73 6.52 8.05 0.17
N ALA B 74 5.54 8.36 1.00
CA ALA B 74 5.70 8.46 2.46
C ALA B 74 6.97 9.21 2.86
N MET B 75 6.88 10.54 2.87
CA MET B 75 8.03 11.36 3.22
C MET B 75 7.56 12.67 3.85
N ASN B 76 8.41 13.29 4.66
CA ASN B 76 8.06 14.55 5.30
C ASN B 76 8.13 15.73 4.32
N ILE B 77 6.97 16.29 4.02
CA ILE B 77 6.83 17.37 3.04
C ILE B 77 6.35 18.64 3.73
N ASN B 78 7.24 19.62 3.87
CA ASN B 78 6.91 20.89 4.54
C ASN B 78 6.42 20.71 5.97
N GLY B 79 7.11 19.84 6.72
CA GLY B 79 6.76 19.58 8.12
C GLY B 79 5.81 18.42 8.35
N GLY B 80 4.95 18.15 7.36
CA GLY B 80 3.93 17.10 7.47
C GLY B 80 4.26 15.83 6.68
N ASN B 81 3.94 14.68 7.27
CA ASN B 81 4.13 13.39 6.61
C ASN B 81 2.92 13.06 5.74
N THR B 82 3.10 13.08 4.42
CA THR B 82 2.06 12.59 3.51
C THR B 82 2.66 11.76 2.39
N LEU B 83 1.89 11.63 1.32
CA LEU B 83 2.31 10.91 0.13
C LEU B 83 2.60 11.91 -0.97
N ALA B 84 3.81 11.82 -1.52
CA ALA B 84 4.29 12.74 -2.55
C ALA B 84 3.42 12.74 -3.81
N CYS B 85 2.78 11.60 -4.10
CA CYS B 85 1.89 11.49 -5.25
C CYS B 85 0.50 12.07 -4.99
N THR B 86 0.21 12.35 -3.72
CA THR B 86 -1.07 12.91 -3.29
C THR B 86 -0.96 14.43 -3.09
N ARG B 87 0.19 14.87 -2.59
CA ARG B 87 0.40 16.26 -2.22
C ARG B 87 0.80 17.12 -3.42
N ARG B 88 -0.05 18.08 -3.75
CA ARG B 88 0.28 19.07 -4.78
C ARG B 88 1.13 20.20 -4.21
N ILE B 89 2.20 20.53 -4.93
CA ILE B 89 3.17 21.54 -4.50
C ILE B 89 2.53 22.93 -4.43
N ASP B 90 3.09 23.78 -3.58
CA ASP B 90 2.63 25.15 -3.43
C ASP B 90 2.99 25.97 -4.68
N THR B 91 1.96 26.36 -5.43
CA THR B 91 2.14 27.16 -6.65
C THR B 91 2.79 28.50 -6.29
N ASN B 92 2.76 28.82 -5.01
CA ASN B 92 3.46 29.95 -4.41
C ASN B 92 4.99 29.83 -4.58
N LEU B 93 5.53 30.57 -5.54
CA LEU B 93 6.93 30.47 -5.94
C LEU B 93 7.87 31.07 -4.91
N ASP B 94 7.29 31.80 -3.95
CA ASP B 94 8.08 32.52 -2.93
C ASP B 94 8.56 31.59 -1.82
N LYS B 95 7.85 30.48 -1.63
CA LYS B 95 8.22 29.47 -0.66
C LYS B 95 9.10 28.40 -1.30
N VAL B 96 10.14 28.00 -0.58
CA VAL B 96 10.99 26.90 -1.00
C VAL B 96 10.50 25.59 -0.35
N SER B 97 10.11 24.62 -1.18
CA SER B 97 9.59 23.35 -0.69
C SER B 97 10.67 22.51 0.01
N LYS B 98 10.33 22.05 1.23
CA LYS B 98 11.25 21.25 2.04
C LYS B 98 10.79 19.80 2.14
N ILE B 99 11.60 18.91 1.55
CA ILE B 99 11.35 17.48 1.51
C ILE B 99 12.37 16.76 2.41
N TYR B 100 11.85 15.93 3.31
CA TYR B 100 12.66 15.15 4.25
C TYR B 100 12.24 13.68 4.24
N PRO B 101 13.10 12.78 4.75
CA PRO B 101 12.68 11.40 4.98
C PRO B 101 11.77 11.33 6.21
N LEU B 102 11.08 10.20 6.36
CA LEU B 102 10.21 9.98 7.52
C LEU B 102 10.99 10.10 8.83
N PRO B 103 10.48 10.93 9.75
CA PRO B 103 11.16 11.34 11.00
C PRO B 103 11.62 10.21 11.92
N HIS B 104 12.74 10.45 12.60
CA HIS B 104 13.35 9.52 13.57
C HIS B 104 13.53 8.10 13.03
N MET B 105 13.88 8.00 11.75
CA MET B 105 14.11 6.70 11.10
C MET B 105 15.51 6.65 10.51
N TYR B 106 16.10 5.45 10.49
CA TYR B 106 17.45 5.28 9.94
C TYR B 106 17.43 5.44 8.42
N VAL B 107 18.18 6.43 7.93
CA VAL B 107 18.26 6.65 6.48
C VAL B 107 19.23 5.68 5.83
N ILE B 108 18.71 4.84 4.93
CA ILE B 108 19.53 3.94 4.13
C ILE B 108 20.27 4.78 3.10
N LYS B 109 19.52 5.64 2.41
CA LYS B 109 20.03 6.59 1.43
C LYS B 109 18.95 7.60 1.11
N ASP B 110 19.33 8.88 1.08
CA ASP B 110 18.44 10.01 0.71
C ASP B 110 17.11 10.03 1.48
N LEU B 111 16.01 9.73 0.79
CA LEU B 111 14.66 9.71 1.38
C LEU B 111 14.13 8.27 1.53
N VAL B 112 15.04 7.34 1.82
CA VAL B 112 14.68 5.93 1.84
C VAL B 112 15.04 5.36 3.21
N PRO B 113 14.02 5.23 4.09
CA PRO B 113 14.15 4.83 5.49
C PRO B 113 13.97 3.33 5.73
N ASP B 114 14.79 2.76 6.60
CA ASP B 114 14.67 1.35 6.97
C ASP B 114 13.37 1.10 7.75
N LEU B 115 12.42 0.47 7.08
CA LEU B 115 11.11 0.19 7.67
C LEU B 115 10.97 -1.22 8.24
N SER B 116 12.08 -1.98 8.25
CA SER B 116 12.09 -3.37 8.73
C SER B 116 11.43 -3.55 10.10
N ASN B 117 11.60 -2.55 10.96
CA ASN B 117 10.96 -2.60 12.27
C ASN B 117 9.47 -2.38 12.17
N PHE B 118 9.08 -1.35 11.42
CA PHE B 118 7.69 -1.05 11.15
C PHE B 118 6.95 -2.27 10.62
N TYR B 119 7.63 -3.02 9.77
CA TYR B 119 7.07 -4.24 9.17
C TYR B 119 7.02 -5.40 10.15
N ALA B 120 8.13 -5.63 10.86
CA ALA B 120 8.23 -6.70 11.86
C ALA B 120 7.22 -6.51 12.99
N GLN B 121 6.94 -5.27 13.33
CA GLN B 121 5.95 -4.93 14.35
C GLN B 121 4.53 -5.31 13.92
N TYR B 122 4.26 -5.14 12.63
CA TYR B 122 2.97 -5.50 12.04
C TYR B 122 2.74 -7.00 12.03
N LYS B 123 3.81 -7.75 11.83
CA LYS B 123 3.80 -9.21 11.87
C LYS B 123 3.48 -9.75 13.26
N SER B 124 3.86 -9.00 14.29
CA SER B 124 3.69 -9.45 15.67
C SER B 124 2.24 -9.42 16.16
N ILE B 125 1.40 -8.62 15.51
CA ILE B 125 -0.02 -8.56 15.89
C ILE B 125 -0.84 -9.68 15.25
N GLU B 126 -0.26 -10.36 14.25
CA GLU B 126 -0.92 -11.45 13.52
C GLU B 126 -2.16 -10.96 12.75
N PRO B 127 -1.93 -10.11 11.74
CA PRO B 127 -3.00 -9.46 10.98
C PRO B 127 -3.66 -10.38 9.97
N TYR B 128 -4.27 -11.44 10.47
CA TYR B 128 -5.01 -12.38 9.64
C TYR B 128 -6.12 -13.02 10.47
N LEU B 129 -7.21 -13.39 9.81
CA LEU B 129 -8.36 -13.99 10.50
C LEU B 129 -7.97 -15.29 11.18
N LYS B 130 -8.51 -15.50 12.37
CA LYS B 130 -8.20 -16.68 13.16
C LYS B 130 -9.47 -17.31 13.74
N LYS B 131 -9.62 -18.61 13.52
CA LYS B 131 -10.77 -19.37 14.02
C LYS B 131 -10.30 -20.43 15.02
N LYS B 132 -11.13 -20.73 16.00
CA LYS B 132 -10.83 -21.79 16.97
C LYS B 132 -10.94 -23.15 16.30
N ASP B 133 -11.89 -23.27 15.37
CA ASP B 133 -12.04 -24.47 14.55
C ASP B 133 -11.90 -24.09 13.07
N GLU B 134 -10.73 -24.39 12.50
CA GLU B 134 -10.44 -24.06 11.12
C GLU B 134 -10.41 -25.30 10.22
N SER B 135 -11.01 -26.39 10.72
CA SER B 135 -11.11 -27.62 9.97
C SER B 135 -12.07 -27.46 8.79
N GLN B 136 -12.98 -26.50 8.90
CA GLN B 136 -14.01 -26.29 7.90
C GLN B 136 -13.72 -25.14 6.94
N GLU B 137 -12.50 -24.62 6.95
CA GLU B 137 -12.17 -23.47 6.12
C GLU B 137 -11.98 -23.83 4.64
N GLY B 138 -12.29 -22.86 3.79
CA GLY B 138 -12.17 -23.01 2.34
C GLY B 138 -13.39 -23.63 1.70
N LYS B 139 -14.42 -23.89 2.50
CA LYS B 139 -15.63 -24.54 1.99
C LYS B 139 -16.75 -23.54 1.71
N GLN B 140 -17.18 -22.83 2.74
CA GLN B 140 -18.27 -21.87 2.60
C GLN B 140 -17.83 -20.45 2.97
N GLN B 141 -18.39 -19.47 2.28
CA GLN B 141 -18.20 -18.08 2.67
C GLN B 141 -18.78 -17.87 4.07
N TYR B 142 -18.00 -17.23 4.96
CA TYR B 142 -18.47 -16.87 6.27
C TYR B 142 -19.55 -15.79 6.17
N LEU B 143 -20.43 -15.76 7.16
CA LEU B 143 -21.51 -14.79 7.22
C LEU B 143 -21.08 -13.58 8.02
N GLN B 144 -21.47 -12.40 7.55
CA GLN B 144 -21.20 -11.14 8.22
C GLN B 144 -22.19 -10.10 7.69
N SER B 145 -22.99 -9.52 8.59
CA SER B 145 -24.05 -8.57 8.20
C SER B 145 -23.44 -7.28 7.68
N ILE B 146 -24.23 -6.53 6.89
CA ILE B 146 -23.77 -5.23 6.37
C ILE B 146 -23.43 -4.30 7.54
N GLU B 147 -24.04 -4.62 8.69
CA GLU B 147 -23.80 -3.89 9.93
C GLU B 147 -22.42 -4.24 10.52
N GLU B 148 -22.21 -5.51 10.86
CA GLU B 148 -20.90 -6.01 11.33
C GLU B 148 -19.76 -5.56 10.41
N ARG B 149 -20.08 -5.41 9.12
CA ARG B 149 -19.12 -5.02 8.10
C ARG B 149 -18.75 -3.56 8.22
N GLU B 150 -19.72 -2.72 8.57
CA GLU B 150 -19.51 -1.28 8.73
C GLU B 150 -18.47 -0.93 9.80
N LYS B 151 -18.40 -1.74 10.84
CA LYS B 151 -17.40 -1.55 11.90
C LYS B 151 -15.96 -1.62 11.38
N LEU B 152 -15.82 -2.03 10.12
CA LEU B 152 -14.50 -2.18 9.49
C LEU B 152 -14.11 -0.99 8.64
N ASP B 153 -15.09 -0.22 8.18
CA ASP B 153 -14.78 1.00 7.42
C ASP B 153 -13.89 1.93 8.22
N GLY B 154 -13.13 2.76 7.53
CA GLY B 154 -12.16 3.62 8.19
C GLY B 154 -11.01 2.86 8.84
N LEU B 155 -11.07 1.52 8.83
CA LEU B 155 -9.98 0.69 9.36
C LEU B 155 -9.24 -0.08 8.29
N TYR B 156 -9.99 -0.80 7.45
CA TYR B 156 -9.40 -1.68 6.43
C TYR B 156 -8.62 -0.93 5.35
N GLU B 157 -8.85 0.38 5.24
CA GLU B 157 -8.28 1.18 4.15
C GLU B 157 -6.79 1.53 4.32
N CYS B 158 -6.23 1.29 5.52
CA CYS B 158 -4.84 1.61 5.79
C CYS B 158 -3.88 0.96 4.79
N ILE B 159 -2.98 1.78 4.23
CA ILE B 159 -2.07 1.34 3.19
C ILE B 159 -0.66 1.14 3.73
N LEU B 160 -0.56 0.86 5.03
CA LEU B 160 0.72 0.76 5.75
C LEU B 160 1.80 1.75 5.26
N CYS B 161 1.41 3.01 5.07
CA CYS B 161 2.33 4.03 4.56
C CYS B 161 3.28 4.53 5.64
N ALA B 162 2.88 4.37 6.90
CA ALA B 162 3.75 4.65 8.05
C ALA B 162 3.89 6.15 8.39
N CYS B 163 3.14 7.01 7.69
CA CYS B 163 3.12 8.44 8.01
C CYS B 163 2.80 8.68 9.48
N CYS B 164 1.73 8.01 9.96
CA CYS B 164 1.28 8.13 11.34
C CYS B 164 2.34 7.74 12.35
N SER B 165 2.69 6.46 12.40
CA SER B 165 3.63 5.94 13.41
C SER B 165 4.89 6.80 13.47
N THR B 166 5.25 7.36 12.32
CA THR B 166 6.51 8.05 12.13
C THR B 166 6.38 9.55 12.38
N SER B 167 5.21 9.96 12.87
CA SER B 167 4.95 11.32 13.35
C SER B 167 4.48 11.33 14.81
N CYS B 168 4.35 10.14 15.40
CA CYS B 168 4.05 10.00 16.83
C CYS B 168 5.35 10.14 17.61
N PRO B 169 5.45 11.19 18.44
CA PRO B 169 6.66 11.43 19.22
C PRO B 169 6.99 10.29 20.21
N SER B 170 5.96 9.58 20.70
CA SER B 170 6.16 8.39 21.52
C SER B 170 6.86 7.28 20.74
N TYR B 171 6.54 7.17 19.46
CA TYR B 171 7.19 6.25 18.55
C TYR B 171 8.62 6.68 18.26
N TRP B 172 8.87 8.00 18.22
CA TRP B 172 10.23 8.51 18.07
C TRP B 172 11.14 8.03 19.21
N TRP B 173 10.66 8.14 20.45
CA TRP B 173 11.48 7.77 21.60
C TRP B 173 11.38 6.29 21.94
N ASN B 174 10.31 5.63 21.49
CA ASN B 174 10.08 4.23 21.88
C ASN B 174 9.77 3.28 20.72
N GLY B 175 10.30 3.60 19.54
CA GLY B 175 10.05 2.83 18.32
C GLY B 175 10.33 1.33 18.37
N ASP B 176 11.22 0.90 19.27
CA ASP B 176 11.52 -0.53 19.43
C ASP B 176 10.38 -1.31 20.08
N LYS B 177 9.89 -0.80 21.22
CA LYS B 177 8.96 -1.52 22.08
C LYS B 177 7.51 -1.04 22.00
N TYR B 178 7.31 0.19 21.53
CA TYR B 178 5.97 0.71 21.28
C TYR B 178 5.56 0.44 19.83
N LEU B 179 4.37 -0.15 19.66
CA LEU B 179 3.88 -0.64 18.37
C LEU B 179 3.47 0.45 17.37
N GLY B 180 3.01 1.59 17.87
CA GLY B 180 2.65 2.72 17.02
C GLY B 180 1.28 2.62 16.36
N PRO B 181 0.68 3.78 16.04
CA PRO B 181 -0.71 3.95 15.57
C PRO B 181 -1.18 3.03 14.42
N ALA B 182 -0.50 3.04 13.27
CA ALA B 182 -0.87 2.20 12.12
C ALA B 182 -1.03 0.72 12.52
N VAL B 183 0.05 0.17 13.07
CA VAL B 183 0.10 -1.20 13.55
C VAL B 183 -0.95 -1.45 14.64
N LEU B 184 -1.11 -0.48 15.55
CA LEU B 184 -2.10 -0.60 16.61
C LEU B 184 -3.51 -0.60 16.04
N MET B 185 -3.81 0.37 15.17
CA MET B 185 -5.12 0.46 14.55
C MET B 185 -5.48 -0.85 13.84
N GLN B 186 -4.47 -1.52 13.28
CA GLN B 186 -4.68 -2.78 12.60
C GLN B 186 -5.08 -3.90 13.56
N ALA B 187 -4.49 -3.89 14.75
CA ALA B 187 -4.86 -4.87 15.76
C ALA B 187 -6.33 -4.70 16.12
N TYR B 188 -6.76 -3.44 16.21
CA TYR B 188 -8.15 -3.10 16.46
C TYR B 188 -9.03 -3.53 15.30
N ARG B 189 -8.51 -3.38 14.08
CA ARG B 189 -9.20 -3.82 12.85
C ARG B 189 -9.53 -5.31 12.88
N TRP B 190 -8.70 -6.10 13.55
CA TRP B 190 -8.94 -7.53 13.69
C TRP B 190 -9.74 -7.86 14.94
N MET B 191 -9.63 -6.99 15.95
CA MET B 191 -10.47 -7.09 17.13
C MET B 191 -11.95 -7.00 16.79
N ILE B 192 -12.35 -5.96 16.05
CA ILE B 192 -13.77 -5.77 15.74
C ILE B 192 -14.26 -6.53 14.49
N ASP B 193 -13.39 -7.33 13.89
CA ASP B 193 -13.85 -8.22 12.84
C ASP B 193 -14.67 -9.34 13.47
N SER B 194 -15.96 -9.34 13.17
CA SER B 194 -16.92 -10.32 13.70
C SER B 194 -16.44 -11.75 13.48
N ARG B 195 -15.82 -12.01 12.34
CA ARG B 195 -15.40 -13.36 11.96
C ARG B 195 -14.20 -13.86 12.75
N ASP B 196 -13.50 -12.95 13.44
CA ASP B 196 -12.30 -13.31 14.18
C ASP B 196 -12.66 -13.86 15.54
N ASP B 197 -11.98 -14.94 15.93
CA ASP B 197 -12.31 -15.62 17.19
C ASP B 197 -11.36 -15.30 18.33
N PHE B 198 -10.24 -14.68 18.03
CA PHE B 198 -9.17 -14.52 19.03
C PHE B 198 -9.11 -13.15 19.72
N THR B 199 -10.24 -12.44 19.72
CA THR B 199 -10.34 -11.07 20.23
C THR B 199 -9.67 -10.91 21.61
N GLU B 200 -10.00 -11.78 22.55
CA GLU B 200 -9.45 -11.72 23.91
C GLU B 200 -7.93 -11.85 23.94
N GLU B 201 -7.40 -12.83 23.22
CA GLU B 201 -5.95 -13.09 23.21
C GLU B 201 -5.16 -12.00 22.48
N ARG B 202 -5.82 -11.32 21.54
CA ARG B 202 -5.25 -10.17 20.85
C ARG B 202 -4.99 -9.01 21.82
N LEU B 203 -6.00 -8.68 22.62
CA LEU B 203 -5.90 -7.71 23.70
C LEU B 203 -4.85 -8.12 24.73
N ALA B 204 -4.94 -9.37 25.18
CA ALA B 204 -4.02 -9.92 26.19
C ALA B 204 -2.54 -9.77 25.81
N LYS B 205 -2.28 -9.51 24.53
CA LYS B 205 -0.91 -9.35 24.02
C LYS B 205 -0.39 -7.92 24.19
N LEU B 206 -1.30 -7.00 24.50
CA LEU B 206 -0.94 -5.60 24.71
C LEU B 206 -0.79 -5.28 26.20
N GLN B 207 -0.63 -6.33 27.00
CA GLN B 207 -0.58 -6.22 28.46
C GLN B 207 0.84 -6.01 28.95
N ASP B 208 1.41 -4.87 28.59
CA ASP B 208 2.70 -4.43 29.12
C ASP B 208 2.76 -2.90 29.04
N PRO B 209 3.76 -2.28 29.73
CA PRO B 209 3.79 -0.82 29.73
C PRO B 209 4.01 -0.19 28.35
N PHE B 210 4.63 -0.92 27.43
CA PHE B 210 5.17 -0.32 26.21
C PHE B 210 4.36 -0.47 24.92
N SER B 211 3.73 -1.63 24.74
CA SER B 211 3.12 -1.99 23.44
C SER B 211 2.03 -1.01 22.99
N LEU B 212 1.09 -0.75 23.88
CA LEU B 212 -0.03 0.13 23.60
C LEU B 212 0.04 1.39 24.47
N TYR B 213 0.66 1.25 25.64
CA TYR B 213 0.52 2.25 26.68
C TYR B 213 1.52 3.41 26.64
N ARG B 214 2.26 3.50 25.55
CA ARG B 214 3.10 4.66 25.29
C ARG B 214 2.29 5.74 24.58
N CYS B 215 1.14 5.38 24.03
CA CYS B 215 0.27 6.38 23.43
C CYS B 215 -0.30 7.26 24.53
N HIS B 216 -0.09 8.58 24.39
CA HIS B 216 -0.59 9.57 25.34
C HIS B 216 -1.52 10.55 24.66
N THR B 217 -2.24 10.06 23.65
CA THR B 217 -3.25 10.83 22.91
C THR B 217 -2.75 12.17 22.32
N ILE B 218 -1.49 12.18 21.87
CA ILE B 218 -0.89 13.36 21.25
C ILE B 218 -1.63 13.73 19.96
N MET B 219 -2.10 12.71 19.25
CA MET B 219 -2.96 12.88 18.09
C MET B 219 -2.30 13.43 16.82
N ASN B 220 -0.98 13.31 16.72
CA ASN B 220 -0.30 13.62 15.44
C ASN B 220 -0.67 12.62 14.35
N CYS B 221 -0.84 11.36 14.75
CA CYS B 221 -1.21 10.30 13.83
C CYS B 221 -2.41 10.69 12.98
N THR B 222 -3.58 10.79 13.60
CA THR B 222 -4.81 11.18 12.90
C THR B 222 -4.61 12.48 12.13
N GLY B 223 -3.83 13.39 12.72
CA GLY B 223 -3.53 14.67 12.11
C GLY B 223 -2.87 14.58 10.74
N THR B 224 -2.05 13.54 10.56
CA THR B 224 -1.20 13.44 9.36
C THR B 224 -1.61 12.40 8.32
N CYS B 225 -2.54 11.50 8.65
CA CYS B 225 -2.87 10.38 7.76
C CYS B 225 -3.30 10.84 6.38
N PRO B 226 -2.53 10.46 5.34
CA PRO B 226 -2.85 10.92 3.99
C PRO B 226 -4.18 10.34 3.52
N LYS B 227 -4.54 9.17 4.07
CA LYS B 227 -5.76 8.47 3.69
C LYS B 227 -6.99 8.92 4.47
N GLY B 228 -6.83 9.96 5.29
CA GLY B 228 -7.94 10.54 6.04
C GLY B 228 -8.48 9.67 7.17
N LEU B 229 -7.67 8.70 7.62
CA LEU B 229 -8.07 7.76 8.67
C LEU B 229 -7.79 8.31 10.06
N ASN B 230 -8.35 7.66 11.07
CA ASN B 230 -8.23 8.10 12.46
C ASN B 230 -7.61 7.04 13.38
N PRO B 231 -6.27 6.84 13.30
CA PRO B 231 -5.65 5.79 14.10
C PRO B 231 -5.85 6.00 15.61
N GLY B 232 -5.67 7.24 16.07
CA GLY B 232 -5.83 7.56 17.49
C GLY B 232 -7.15 7.10 18.09
N LYS B 233 -8.25 7.51 17.47
CA LYS B 233 -9.61 7.13 17.90
C LYS B 233 -9.73 5.61 18.06
N ALA B 234 -9.10 4.87 17.17
CA ALA B 234 -9.06 3.41 17.27
C ALA B 234 -8.22 2.96 18.48
N ILE B 235 -7.11 3.65 18.73
CA ILE B 235 -6.27 3.37 19.90
C ILE B 235 -7.06 3.60 21.20
N ALA B 236 -7.84 4.68 21.23
CA ALA B 236 -8.71 4.97 22.37
C ALA B 236 -9.66 3.80 22.61
N GLU B 237 -10.21 3.28 21.51
CA GLU B 237 -11.16 2.19 21.57
C GLU B 237 -10.52 0.92 22.10
N ILE B 238 -9.26 0.68 21.74
CA ILE B 238 -8.50 -0.45 22.29
C ILE B 238 -8.35 -0.26 23.80
N LYS B 239 -7.90 0.92 24.20
CA LYS B 239 -7.71 1.24 25.61
C LYS B 239 -8.95 0.92 26.43
N LYS B 240 -10.12 1.28 25.88
CA LYS B 240 -11.42 0.97 26.51
C LYS B 240 -11.66 -0.54 26.58
N MET B 241 -11.40 -1.24 25.47
CA MET B 241 -11.56 -2.69 25.42
C MET B 241 -10.67 -3.38 26.43
N MET B 242 -9.45 -2.88 26.60
CA MET B 242 -8.48 -3.44 27.53
C MET B 242 -8.97 -3.35 28.98
N ALA B 243 -9.57 -2.22 29.32
CA ALA B 243 -10.05 -1.96 30.67
C ALA B 243 -11.28 -2.79 31.02
N THR B 244 -12.07 -3.15 30.02
CA THR B 244 -13.40 -3.69 30.25
C THR B 244 -13.60 -5.17 29.86
N TYR B 245 -12.64 -5.75 29.14
CA TYR B 245 -12.71 -7.18 28.77
C TYR B 245 -12.47 -8.07 30.00
N LYS B 246 -12.88 -9.33 29.89
CA LYS B 246 -13.04 -10.21 31.06
C LYS B 246 -12.16 -11.47 31.11
N GLU B 247 -11.14 -11.41 31.97
CA GLU B 247 -10.29 -12.55 32.40
C GLU B 247 -8.88 -12.10 32.77
N GLY C 2 12.41 -18.28 6.74
CA GLY C 2 11.45 -18.23 7.89
C GLY C 2 12.05 -17.51 9.08
N THR C 3 11.41 -16.42 9.48
CA THR C 3 11.94 -15.57 10.54
C THR C 3 10.84 -14.92 11.38
N THR C 4 10.98 -14.98 12.70
CA THR C 4 9.98 -14.39 13.62
C THR C 4 9.94 -12.87 13.48
N ALA C 5 8.79 -12.28 13.82
CA ALA C 5 8.66 -10.83 13.96
C ALA C 5 9.69 -10.32 14.96
N LYS C 6 9.87 -11.07 16.04
CA LYS C 6 10.83 -10.78 17.09
C LYS C 6 12.28 -10.93 16.61
N GLU C 7 12.53 -11.96 15.81
CA GLU C 7 13.84 -12.18 15.19
C GLU C 7 14.19 -11.08 14.21
N GLU C 8 13.19 -10.61 13.47
CA GLU C 8 13.36 -9.52 12.51
C GLU C 8 13.75 -8.23 13.22
N MET C 9 13.06 -7.94 14.33
CA MET C 9 13.31 -6.75 15.14
C MET C 9 14.75 -6.66 15.65
N GLU C 10 15.26 -7.78 16.16
CA GLU C 10 16.64 -7.87 16.65
C GLU C 10 17.64 -7.59 15.54
N ARG C 11 17.43 -8.21 14.38
CA ARG C 11 18.28 -7.99 13.21
C ARG C 11 18.24 -6.54 12.73
N PHE C 12 17.08 -5.90 12.86
CA PHE C 12 16.94 -4.49 12.54
C PHE C 12 17.84 -3.63 13.44
N TRP C 13 17.91 -3.99 14.72
CA TRP C 13 18.72 -3.23 15.67
C TRP C 13 20.22 -3.53 15.54
N ASN C 14 20.56 -4.80 15.42
CA ASN C 14 21.95 -5.21 15.27
C ASN C 14 22.59 -4.68 14.00
N LYS C 15 21.80 -4.54 12.94
CA LYS C 15 22.29 -3.97 11.68
C LYS C 15 22.45 -2.46 11.76
N ASN C 16 21.40 -1.77 12.20
CA ASN C 16 21.40 -0.31 12.22
C ASN C 16 22.31 0.33 13.24
N LEU C 17 22.47 -0.32 14.40
CA LEU C 17 23.40 0.17 15.42
C LEU C 17 24.85 -0.10 15.02
N GLY C 18 25.07 -1.10 14.17
CA GLY C 18 26.41 -1.40 13.63
C GLY C 18 26.72 -0.67 12.34
N SER C 19 25.89 0.32 12.00
CA SER C 19 26.03 1.08 10.75
C SER C 19 26.46 2.52 10.99
N ASN C 20 26.65 3.23 9.89
CA ASN C 20 26.95 4.65 9.92
C ASN C 20 25.79 5.48 9.35
N ARG C 21 24.59 4.94 9.49
CA ARG C 21 23.37 5.58 8.97
C ARG C 21 22.92 6.69 9.91
N PRO C 22 22.47 7.84 9.35
CA PRO C 22 21.87 8.90 10.16
C PRO C 22 20.38 8.67 10.48
N LEU C 23 19.90 9.22 11.60
CA LEU C 23 18.46 9.33 11.83
C LEU C 23 17.94 10.58 11.13
N SER C 24 16.84 10.43 10.40
CA SER C 24 16.18 11.61 9.83
C SER C 24 15.73 12.54 10.95
N PRO C 25 15.82 13.87 10.73
CA PRO C 25 15.36 14.84 11.73
C PRO C 25 13.88 14.67 12.13
N HIS C 26 13.57 15.00 13.38
CA HIS C 26 12.21 14.90 13.91
C HIS C 26 11.65 16.24 14.37
N ILE C 27 11.78 16.55 15.66
CA ILE C 27 11.23 17.81 16.22
C ILE C 27 11.80 19.05 15.54
N THR C 28 13.05 18.95 15.11
CA THR C 28 13.78 20.05 14.47
C THR C 28 13.18 20.47 13.13
N ILE C 29 12.39 19.56 12.53
CA ILE C 29 11.78 19.81 11.22
C ILE C 29 10.26 19.64 11.18
N TYR C 30 9.69 19.01 12.21
CA TYR C 30 8.25 18.78 12.22
C TYR C 30 7.47 20.07 12.48
N ARG C 31 6.51 20.33 11.60
CA ARG C 31 5.65 21.51 11.67
C ARG C 31 4.71 21.43 12.88
N TRP C 32 4.71 22.49 13.70
CA TRP C 32 3.94 22.52 14.95
C TRP C 32 2.46 22.83 14.76
N SER C 33 1.63 22.17 15.57
CA SER C 33 0.19 22.41 15.58
C SER C 33 -0.33 22.59 17.01
N LEU C 34 -1.48 23.25 17.16
CA LEU C 34 -2.03 23.53 18.49
C LEU C 34 -2.06 22.31 19.41
N PRO C 35 -2.66 21.18 18.95
CA PRO C 35 -2.71 20.00 19.82
C PRO C 35 -1.32 19.45 20.15
N MET C 36 -0.39 19.58 19.21
CA MET C 36 0.98 19.09 19.39
C MET C 36 1.70 19.86 20.49
N ALA C 37 1.47 21.18 20.53
CA ALA C 37 2.03 22.03 21.58
C ALA C 37 1.28 21.84 22.90
N MET C 38 -0.04 21.69 22.82
CA MET C 38 -0.87 21.53 24.02
C MET C 38 -0.65 20.20 24.72
N SER C 39 0.01 19.27 24.05
CA SER C 39 0.33 17.98 24.64
C SER C 39 1.54 18.05 25.57
N ILE C 40 2.59 18.74 25.14
CA ILE C 40 3.76 18.92 26.02
C ILE C 40 3.48 19.90 27.14
N CYS C 41 2.64 20.89 26.86
CA CYS C 41 2.19 21.83 27.87
C CYS C 41 1.54 21.09 29.02
N HIS C 42 0.78 20.05 28.69
CA HIS C 42 0.23 19.16 29.71
C HIS C 42 1.32 18.44 30.50
N ARG C 43 2.40 18.04 29.83
CA ARG C 43 3.56 17.46 30.52
C ARG C 43 4.28 18.52 31.34
N GLY C 44 4.42 19.71 30.78
CA GLY C 44 5.06 20.81 31.46
C GLY C 44 4.32 21.12 32.75
N THR C 45 3.11 21.63 32.60
CA THR C 45 2.23 21.91 33.73
C THR C 45 2.17 20.72 34.71
N GLY C 46 2.06 19.51 34.18
CA GLY C 46 2.13 18.30 34.98
C GLY C 46 3.39 18.17 35.82
N ILE C 47 4.55 18.25 35.17
CA ILE C 47 5.85 18.14 35.86
C ILE C 47 6.07 19.31 36.81
N ALA C 48 5.76 20.52 36.35
CA ALA C 48 5.91 21.73 37.15
C ALA C 48 5.12 21.63 38.45
N LEU C 49 3.85 21.28 38.33
CA LEU C 49 2.94 21.14 39.48
C LEU C 49 3.46 20.12 40.48
N SER C 50 3.88 18.96 39.98
CA SER C 50 4.42 17.89 40.83
C SER C 50 5.67 18.34 41.55
N ALA C 51 6.44 19.22 40.92
CA ALA C 51 7.62 19.79 41.56
C ALA C 51 7.17 20.72 42.69
N GLY C 52 6.15 21.53 42.42
CA GLY C 52 5.59 22.44 43.42
C GLY C 52 5.09 21.72 44.66
N VAL C 53 4.27 20.70 44.44
CA VAL C 53 3.74 19.86 45.51
C VAL C 53 4.87 19.14 46.27
N SER C 54 5.89 18.69 45.55
CA SER C 54 7.02 17.98 46.15
C SER C 54 7.89 18.92 46.98
N LEU C 55 8.12 20.11 46.44
CA LEU C 55 8.93 21.11 47.14
C LEU C 55 8.25 21.51 48.44
N PHE C 56 6.91 21.56 48.40
CA PHE C 56 6.12 21.91 49.56
C PHE C 56 6.21 20.85 50.66
N GLY C 57 5.96 19.60 50.30
CA GLY C 57 5.99 18.48 51.25
C GLY C 57 7.35 18.23 51.88
N LEU C 58 8.40 18.37 51.07
CA LEU C 58 9.78 18.13 51.54
C LEU C 58 10.30 19.24 52.44
N SER C 59 10.01 20.49 52.08
CA SER C 59 10.39 21.63 52.94
C SER C 59 9.64 21.59 54.28
N ALA C 60 8.41 21.08 54.25
CA ALA C 60 7.60 20.88 55.46
C ALA C 60 8.20 19.85 56.42
N LEU C 61 9.14 19.04 55.93
CA LEU C 61 9.85 18.07 56.76
C LEU C 61 11.29 18.49 57.06
N LEU C 62 11.91 19.19 56.11
CA LEU C 62 13.33 19.54 56.23
C LEU C 62 13.56 20.91 56.86
N LEU C 63 12.69 21.88 56.57
CA LEU C 63 12.84 23.25 57.09
C LEU C 63 12.14 23.45 58.44
N PRO C 64 12.84 24.13 59.39
CA PRO C 64 12.23 24.44 60.69
C PRO C 64 11.37 25.70 60.64
N GLY C 65 10.63 25.96 61.72
CA GLY C 65 9.70 27.09 61.79
C GLY C 65 8.41 26.73 61.10
N ASN C 66 7.28 27.05 61.73
CA ASN C 66 5.96 26.68 61.19
C ASN C 66 5.52 27.53 59.99
N PHE C 67 4.42 27.14 59.38
CA PHE C 67 3.91 27.81 58.20
C PHE C 67 3.57 29.28 58.47
N GLU C 68 2.95 29.53 59.62
CA GLU C 68 2.51 30.88 60.02
C GLU C 68 3.67 31.88 60.04
N SER C 69 4.81 31.43 60.54
CA SER C 69 6.02 32.27 60.60
C SER C 69 6.62 32.50 59.21
N HIS C 70 6.51 31.49 58.35
CA HIS C 70 6.96 31.58 56.96
C HIS C 70 6.15 32.58 56.15
N LEU C 71 4.83 32.63 56.40
CA LEU C 71 3.95 33.62 55.79
C LEU C 71 4.31 35.03 56.22
N GLU C 72 4.53 35.20 57.53
CA GLU C 72 4.94 36.48 58.09
C GLU C 72 6.29 36.90 57.53
N LEU C 73 7.13 35.90 57.25
CA LEU C 73 8.41 36.13 56.58
C LEU C 73 8.22 36.71 55.18
N VAL C 74 7.18 36.23 54.48
CA VAL C 74 6.84 36.72 53.15
C VAL C 74 6.26 38.15 53.20
N LYS C 75 5.35 38.38 54.16
CA LYS C 75 4.81 39.71 54.43
C LYS C 75 5.93 40.72 54.66
N SER C 76 6.97 40.27 55.38
CA SER C 76 8.20 41.05 55.60
C SER C 76 8.96 41.19 54.30
N LEU C 77 8.43 42.05 53.42
CA LEU C 77 8.96 42.25 52.07
C LEU C 77 8.03 43.19 51.31
N CYS C 78 8.59 43.90 50.33
CA CYS C 78 7.82 44.74 49.43
C CYS C 78 6.95 43.88 48.54
N LEU C 79 5.64 43.94 48.75
CA LEU C 79 4.69 43.09 48.03
C LEU C 79 3.63 43.91 47.29
N GLY C 80 4.05 44.58 46.22
CA GLY C 80 3.13 45.38 45.40
C GLY C 80 1.87 44.58 45.08
N PRO C 81 0.68 45.11 45.44
CA PRO C 81 -0.62 44.48 45.15
C PRO C 81 -0.69 43.83 43.76
N THR C 82 -0.10 44.48 42.76
CA THR C 82 0.15 43.86 41.46
C THR C 82 1.64 43.52 41.35
N LEU C 83 1.99 42.41 42.00
CA LEU C 83 3.33 41.80 42.06
C LEU C 83 3.21 40.67 43.08
N ILE C 84 2.14 40.76 43.89
CA ILE C 84 1.65 39.64 44.68
C ILE C 84 0.58 38.94 43.83
N TYR C 85 -0.12 39.72 43.01
CA TYR C 85 -1.10 39.21 42.07
C TYR C 85 -0.41 38.38 41.01
N THR C 86 0.66 38.95 40.45
CA THR C 86 1.39 38.32 39.35
C THR C 86 2.18 37.11 39.84
N ALA C 87 2.83 37.24 40.99
CA ALA C 87 3.56 36.13 41.60
C ALA C 87 2.64 34.99 41.98
N LYS C 88 1.34 35.26 42.00
CA LYS C 88 0.31 34.25 42.32
C LYS C 88 -0.39 33.70 41.08
N PHE C 89 -0.62 34.57 40.09
CA PHE C 89 -1.19 34.19 38.79
C PHE C 89 -0.40 33.08 38.10
N GLY C 90 0.94 33.18 38.13
CA GLY C 90 1.81 32.16 37.57
C GLY C 90 1.94 30.90 38.42
N ILE C 91 1.09 30.79 39.45
CA ILE C 91 1.02 29.60 40.29
C ILE C 91 -0.34 28.92 40.07
N VAL C 92 -1.32 29.72 39.65
CA VAL C 92 -2.64 29.22 39.26
C VAL C 92 -2.62 28.79 37.81
N PHE C 93 -1.95 29.59 36.97
CA PHE C 93 -1.94 29.39 35.52
C PHE C 93 -1.57 27.97 35.09
N PRO C 94 -0.41 27.46 35.57
CA PRO C 94 -0.08 26.08 35.26
C PRO C 94 -1.15 25.09 35.74
N LEU C 95 -1.70 25.33 36.94
CA LEU C 95 -2.70 24.42 37.52
C LEU C 95 -4.01 24.42 36.76
N MET C 96 -4.45 25.60 36.32
CA MET C 96 -5.71 25.76 35.59
C MET C 96 -5.67 25.15 34.20
N TYR C 97 -4.55 25.34 33.48
CA TYR C 97 -4.36 24.70 32.19
C TYR C 97 -4.42 23.18 32.34
N HIS C 98 -3.59 22.63 33.23
CA HIS C 98 -3.54 21.19 33.46
C HIS C 98 -4.86 20.63 33.97
N THR C 99 -5.59 21.42 34.75
CA THR C 99 -6.93 21.03 35.18
C THR C 99 -7.87 20.91 33.98
N TRP C 100 -7.99 21.98 33.19
CA TRP C 100 -8.90 21.99 32.05
C TRP C 100 -8.54 20.94 31.01
N ASN C 101 -7.27 20.94 30.60
CA ASN C 101 -6.78 19.98 29.61
C ASN C 101 -6.86 18.53 30.11
N GLY C 102 -6.72 18.33 31.41
CA GLY C 102 -6.93 17.02 32.04
C GLY C 102 -8.34 16.49 31.82
N ILE C 103 -9.31 17.40 31.90
CA ILE C 103 -10.72 17.07 31.66
C ILE C 103 -10.90 16.61 30.22
N ARG C 104 -10.26 17.33 29.30
CA ARG C 104 -10.26 16.99 27.89
C ARG C 104 -9.67 15.60 27.66
N HIS C 105 -8.56 15.31 28.35
CA HIS C 105 -7.95 13.98 28.31
C HIS C 105 -8.88 12.87 28.76
N LEU C 106 -9.78 13.18 29.69
CA LEU C 106 -10.74 12.19 30.21
C LEU C 106 -11.92 11.98 29.27
N ILE C 107 -12.35 13.04 28.59
CA ILE C 107 -13.37 12.94 27.54
C ILE C 107 -12.84 12.05 26.41
N TRP C 108 -11.54 12.21 26.10
CA TRP C 108 -10.85 11.37 25.14
C TRP C 108 -10.83 9.92 25.59
N ASP C 109 -10.56 9.68 26.86
CA ASP C 109 -10.50 8.31 27.40
C ASP C 109 -11.85 7.59 27.29
N LEU C 110 -12.93 8.37 27.24
CA LEU C 110 -14.26 7.85 26.93
C LEU C 110 -14.40 7.59 25.44
N GLY C 111 -13.63 8.34 24.65
CA GLY C 111 -13.59 8.14 23.21
C GLY C 111 -14.22 9.25 22.40
N LYS C 112 -14.70 10.28 23.10
CA LYS C 112 -15.45 11.38 22.47
C LYS C 112 -14.56 12.53 22.04
N GLY C 113 -14.97 13.22 20.98
CA GLY C 113 -14.31 14.44 20.50
C GLY C 113 -12.94 14.23 19.86
N LEU C 114 -12.72 13.03 19.33
CA LEU C 114 -11.42 12.63 18.82
C LEU C 114 -11.17 12.87 17.33
N THR C 115 -12.07 13.58 16.66
CA THR C 115 -11.82 14.03 15.29
C THR C 115 -10.94 15.29 15.32
N ILE C 116 -10.39 15.67 14.17
CA ILE C 116 -9.50 16.84 14.08
C ILE C 116 -10.22 18.18 14.29
N PRO C 117 -11.39 18.38 13.68
CA PRO C 117 -12.16 19.59 14.02
C PRO C 117 -12.47 19.66 15.51
N GLN C 118 -13.03 18.58 16.07
CA GLN C 118 -13.36 18.52 17.50
C GLN C 118 -12.16 18.67 18.43
N LEU C 119 -10.96 18.76 17.86
CA LEU C 119 -9.75 18.82 18.67
C LEU C 119 -9.23 20.25 18.75
N THR C 120 -9.35 20.97 17.64
CA THR C 120 -9.01 22.39 17.62
C THR C 120 -10.06 23.19 18.39
N GLN C 121 -11.33 22.79 18.26
CA GLN C 121 -12.43 23.38 19.04
C GLN C 121 -12.23 23.23 20.56
N SER C 122 -11.95 22.00 20.99
CA SER C 122 -11.75 21.69 22.41
C SER C 122 -10.48 22.32 22.97
N GLY C 123 -9.40 22.31 22.19
CA GLY C 123 -8.12 22.91 22.59
C GLY C 123 -8.23 24.40 22.88
N VAL C 124 -8.90 25.13 21.99
CA VAL C 124 -9.14 26.56 22.15
C VAL C 124 -9.99 26.84 23.39
N VAL C 125 -11.09 26.10 23.54
CA VAL C 125 -11.94 26.21 24.72
C VAL C 125 -11.14 25.98 26.01
N VAL C 126 -10.28 24.96 26.01
CA VAL C 126 -9.40 24.71 27.15
C VAL C 126 -8.46 25.89 27.38
N LEU C 127 -7.99 26.48 26.28
CA LEU C 127 -7.06 27.60 26.34
C LEU C 127 -7.71 28.87 26.91
N ILE C 128 -8.95 29.15 26.49
CA ILE C 128 -9.71 30.27 27.01
C ILE C 128 -9.98 30.11 28.51
N LEU C 129 -10.63 28.99 28.86
CA LEU C 129 -10.95 28.67 30.26
C LEU C 129 -9.74 28.80 31.21
N THR C 130 -8.57 28.39 30.73
CA THR C 130 -7.32 28.57 31.47
C THR C 130 -7.15 30.04 31.90
N VAL C 131 -7.22 30.95 30.94
CA VAL C 131 -7.07 32.40 31.18
C VAL C 131 -8.11 32.92 32.19
N LEU C 132 -9.38 32.64 31.93
CA LEU C 132 -10.50 33.12 32.76
C LEU C 132 -10.44 32.63 34.20
N SER C 133 -10.11 31.36 34.39
CA SER C 133 -10.02 30.79 35.73
C SER C 133 -8.72 31.17 36.44
N SER C 134 -7.66 31.44 35.68
CA SER C 134 -6.38 31.89 36.26
C SER C 134 -6.39 33.38 36.63
N VAL C 135 -7.26 34.14 35.99
CA VAL C 135 -7.46 35.55 36.30
C VAL C 135 -8.57 35.69 37.34
N GLY C 136 -9.55 34.78 37.30
CA GLY C 136 -10.65 34.77 38.27
C GLY C 136 -10.30 34.16 39.62
N LEU C 137 -9.08 33.65 39.74
CA LEU C 137 -8.57 33.09 41.00
C LEU C 137 -7.41 33.91 41.57
N ALA C 138 -6.64 34.54 40.69
CA ALA C 138 -5.61 35.49 41.12
C ALA C 138 -6.24 36.77 41.66
N ALA C 139 -7.51 36.99 41.31
CA ALA C 139 -8.28 38.13 41.80
C ALA C 139 -9.11 37.77 43.04
N MET C 140 -9.30 36.48 43.29
CA MET C 140 -9.96 35.99 44.50
C MET C 140 -9.16 36.30 45.76
N SER D 2 -3.60 -14.05 32.14
CA SER D 2 -3.56 -12.61 31.79
C SER D 2 -3.61 -11.73 33.05
N SER D 3 -2.46 -11.58 33.70
CA SER D 3 -2.32 -10.65 34.81
C SER D 3 -2.44 -9.24 34.20
N LYS D 4 -3.65 -8.68 34.29
CA LYS D 4 -4.03 -7.43 33.63
C LYS D 4 -3.35 -6.17 34.19
N ALA D 5 -2.14 -6.34 34.71
CA ALA D 5 -1.38 -5.26 35.36
C ALA D 5 -1.50 -3.91 34.66
N ALA D 6 -1.23 -3.90 33.35
CA ALA D 6 -1.26 -2.68 32.55
C ALA D 6 -2.63 -2.00 32.53
N SER D 7 -3.66 -2.72 32.07
CA SER D 7 -5.02 -2.16 31.94
C SER D 7 -5.68 -1.79 33.28
N LEU D 8 -5.26 -2.44 34.36
CA LEU D 8 -5.66 -2.05 35.71
C LEU D 8 -4.99 -0.73 36.11
N HIS D 9 -3.66 -0.70 35.99
CA HIS D 9 -2.86 0.49 36.27
C HIS D 9 -3.41 1.71 35.54
N TRP D 10 -3.83 1.51 34.29
CA TRP D 10 -4.37 2.57 33.45
C TRP D 10 -5.67 3.14 33.99
N THR D 11 -6.62 2.27 34.31
CA THR D 11 -7.92 2.69 34.88
C THR D 11 -7.74 3.32 36.26
N GLY D 12 -6.92 2.68 37.09
CA GLY D 12 -6.53 3.22 38.40
C GLY D 12 -6.08 4.66 38.30
N GLU D 13 -5.29 4.95 37.26
CA GLU D 13 -4.86 6.31 36.95
C GLU D 13 -6.04 7.25 36.69
N ARG D 14 -6.99 6.78 35.89
CA ARG D 14 -8.17 7.57 35.54
C ARG D 14 -9.10 7.71 36.74
N VAL D 15 -9.11 6.69 37.60
CA VAL D 15 -9.90 6.69 38.82
C VAL D 15 -9.41 7.77 39.79
N VAL D 16 -8.09 7.85 40.02
CA VAL D 16 -7.54 8.94 40.83
C VAL D 16 -7.68 10.29 40.12
N SER D 17 -7.62 10.28 38.79
CA SER D 17 -7.76 11.51 37.99
C SER D 17 -9.13 12.15 38.16
N VAL D 18 -10.18 11.34 38.21
CA VAL D 18 -11.52 11.85 38.49
C VAL D 18 -11.64 12.23 39.97
N LEU D 19 -11.06 11.40 40.84
CA LEU D 19 -11.04 11.62 42.28
C LEU D 19 -10.40 12.96 42.64
N LEU D 20 -9.22 13.22 42.07
CA LEU D 20 -8.48 14.45 42.31
C LEU D 20 -9.22 15.67 41.79
N LEU D 21 -9.99 15.50 40.73
CA LEU D 21 -10.81 16.58 40.19
C LEU D 21 -11.96 16.89 41.14
N GLY D 22 -12.57 15.85 41.69
CA GLY D 22 -13.69 16.02 42.63
C GLY D 22 -13.28 16.69 43.92
N LEU D 23 -12.07 16.37 44.39
CA LEU D 23 -11.57 16.87 45.66
C LEU D 23 -11.15 18.34 45.65
N LEU D 24 -11.04 18.95 44.48
CA LEU D 24 -10.68 20.37 44.41
C LEU D 24 -11.84 21.28 44.82
N PRO D 25 -12.95 21.29 44.05
CA PRO D 25 -14.09 22.07 44.51
C PRO D 25 -14.62 21.57 45.85
N ALA D 26 -14.48 20.28 46.12
CA ALA D 26 -14.90 19.70 47.41
C ALA D 26 -14.15 20.33 48.58
N ALA D 27 -12.84 20.49 48.43
CA ALA D 27 -11.99 21.11 49.46
C ALA D 27 -12.38 22.56 49.74
N TYR D 28 -12.58 23.34 48.67
CA TYR D 28 -13.01 24.73 48.79
C TYR D 28 -14.36 24.84 49.50
N LEU D 29 -15.31 24.00 49.09
CA LEU D 29 -16.66 24.02 49.67
C LEU D 29 -16.77 23.32 51.04
N ASN D 30 -15.65 22.81 51.55
CA ASN D 30 -15.65 22.02 52.77
C ASN D 30 -14.21 21.82 53.29
N PRO D 31 -13.57 22.90 53.77
CA PRO D 31 -12.14 22.86 54.09
C PRO D 31 -11.81 22.17 55.42
N CYS D 32 -12.27 20.94 55.59
CA CYS D 32 -12.04 20.18 56.83
C CYS D 32 -10.71 19.44 56.81
N SER D 33 -10.41 18.77 57.92
CA SER D 33 -9.15 18.05 58.10
C SER D 33 -9.07 16.74 57.30
N ALA D 34 -10.20 16.05 57.15
CA ALA D 34 -10.26 14.82 56.36
C ALA D 34 -10.00 15.12 54.88
N MET D 35 -10.53 16.26 54.44
CA MET D 35 -10.32 16.77 53.09
C MET D 35 -8.85 17.15 52.87
N ASP D 36 -8.12 17.39 53.96
CA ASP D 36 -6.69 17.67 53.87
C ASP D 36 -5.91 16.39 53.58
N TYR D 37 -6.31 15.29 54.22
CA TYR D 37 -5.63 14.01 54.05
C TYR D 37 -5.94 13.34 52.72
N SER D 38 -7.22 13.31 52.35
CA SER D 38 -7.63 12.74 51.07
C SER D 38 -7.07 13.52 49.87
N LEU D 39 -6.88 14.83 50.07
CA LEU D 39 -6.26 15.68 49.07
C LEU D 39 -4.75 15.47 49.00
N ALA D 40 -4.17 14.95 50.07
CA ALA D 40 -2.74 14.65 50.10
C ALA D 40 -2.44 13.32 49.42
N ALA D 41 -3.31 12.34 49.64
CA ALA D 41 -3.15 11.02 49.05
C ALA D 41 -3.36 11.09 47.55
N ALA D 42 -4.50 11.65 47.14
CA ALA D 42 -4.84 11.81 45.73
C ALA D 42 -3.77 12.59 44.98
N LEU D 43 -3.29 13.66 45.62
CA LEU D 43 -2.32 14.56 45.02
C LEU D 43 -1.00 13.83 44.69
N THR D 44 -0.45 13.15 45.69
CA THR D 44 0.87 12.51 45.56
C THR D 44 0.83 11.20 44.75
N LEU D 45 -0.33 10.53 44.74
CA LEU D 45 -0.51 9.31 43.95
C LEU D 45 -0.50 9.64 42.45
N HIS D 46 -1.47 10.46 42.03
CA HIS D 46 -1.59 10.94 40.65
C HIS D 46 -0.28 11.53 40.15
N GLY D 47 0.41 12.25 41.02
CA GLY D 47 1.72 12.82 40.70
C GLY D 47 2.80 11.76 40.53
N HIS D 48 2.73 10.70 41.34
CA HIS D 48 3.72 9.62 41.31
C HIS D 48 3.56 8.73 40.07
N TRP D 49 2.30 8.44 39.73
CA TRP D 49 1.98 7.70 38.51
C TRP D 49 2.22 8.55 37.27
N GLY D 50 2.02 9.86 37.39
CA GLY D 50 2.22 10.79 36.29
C GLY D 50 3.67 10.89 35.86
N ILE D 51 4.56 11.16 36.81
CA ILE D 51 6.00 11.18 36.56
C ILE D 51 6.49 9.79 36.15
N GLY D 52 5.91 8.76 36.79
CA GLY D 52 6.17 7.37 36.42
C GLY D 52 6.11 7.11 34.91
N GLN D 53 5.16 7.78 34.26
CA GLN D 53 4.98 7.73 32.80
C GLN D 53 6.13 8.43 32.09
N VAL D 54 6.43 9.64 32.56
CA VAL D 54 7.53 10.44 32.01
C VAL D 54 8.84 9.66 32.14
N VAL D 55 8.99 8.92 33.23
CA VAL D 55 10.18 8.11 33.46
C VAL D 55 10.32 7.01 32.40
N THR D 56 9.28 6.17 32.26
CA THR D 56 9.34 5.04 31.34
C THR D 56 9.45 5.49 29.88
N ASP D 57 8.95 6.69 29.59
CA ASP D 57 9.06 7.29 28.26
C ASP D 57 10.49 7.65 27.84
N TYR D 58 11.24 8.28 28.74
CA TYR D 58 12.55 8.84 28.39
C TYR D 58 13.79 8.13 28.97
N VAL D 59 13.60 7.30 30.00
CA VAL D 59 14.75 6.73 30.69
C VAL D 59 15.11 5.32 30.18
N ARG D 60 16.16 5.26 29.34
CA ARG D 60 16.54 4.04 28.62
C ARG D 60 17.49 3.14 29.40
N GLY D 61 17.23 1.84 29.36
CA GLY D 61 18.10 0.86 30.00
C GLY D 61 17.56 0.21 31.26
N ASP D 62 18.31 -0.75 31.78
CA ASP D 62 18.01 -1.37 33.07
C ASP D 62 18.62 -0.56 34.20
N ALA D 63 19.88 -0.15 34.00
CA ALA D 63 20.58 0.71 34.95
C ALA D 63 19.75 1.93 35.33
N LEU D 64 19.53 2.80 34.35
CA LEU D 64 18.81 4.06 34.57
C LEU D 64 17.33 3.90 34.96
N GLN D 65 16.57 3.08 34.22
CA GLN D 65 15.11 3.01 34.43
C GLN D 65 14.71 2.48 35.81
N LYS D 66 15.44 1.49 36.31
CA LYS D 66 15.18 0.94 37.64
C LYS D 66 15.58 1.93 38.74
N ALA D 67 16.68 2.65 38.51
CA ALA D 67 17.15 3.68 39.42
C ALA D 67 16.17 4.85 39.52
N ALA D 68 15.76 5.38 38.37
CA ALA D 68 14.80 6.48 38.30
C ALA D 68 13.50 6.15 39.01
N LYS D 69 13.06 4.90 38.89
CA LYS D 69 11.88 4.44 39.64
C LYS D 69 12.12 4.44 41.15
N ALA D 70 13.29 3.93 41.57
CA ALA D 70 13.66 3.91 42.98
C ALA D 70 13.63 5.31 43.58
N GLY D 71 14.38 6.22 42.95
CA GLY D 71 14.45 7.62 43.36
C GLY D 71 13.14 8.39 43.26
N LEU D 72 12.23 7.94 42.38
CA LEU D 72 10.90 8.53 42.29
C LEU D 72 10.01 8.05 43.44
N LEU D 73 10.15 6.77 43.80
CA LEU D 73 9.37 6.21 44.90
C LEU D 73 9.74 6.85 46.23
N ALA D 74 11.03 7.18 46.38
CA ALA D 74 11.55 7.88 47.56
C ALA D 74 10.98 9.28 47.64
N LEU D 75 11.10 10.03 46.55
CA LEU D 75 10.57 11.38 46.46
C LEU D 75 9.07 11.44 46.77
N SER D 76 8.33 10.45 46.27
CA SER D 76 6.87 10.39 46.48
C SER D 76 6.51 10.13 47.94
N ALA D 77 7.22 9.19 48.57
CA ALA D 77 7.03 8.84 49.98
C ALA D 77 7.36 10.04 50.87
N PHE D 78 8.48 10.71 50.58
CA PHE D 78 8.85 11.93 51.27
C PHE D 78 7.80 13.02 51.08
N THR D 79 7.22 13.10 49.88
CA THR D 79 6.22 14.12 49.60
C THR D 79 4.89 13.84 50.30
N PHE D 80 4.49 12.57 50.38
CA PHE D 80 3.23 12.22 51.06
C PHE D 80 3.32 12.37 52.57
N ALA D 81 4.43 11.91 53.14
CA ALA D 81 4.67 12.01 54.59
C ALA D 81 4.66 13.45 55.07
N GLY D 82 5.34 14.33 54.32
CA GLY D 82 5.39 15.75 54.63
C GLY D 82 4.03 16.42 54.63
N LEU D 83 3.19 16.04 53.67
CA LEU D 83 1.84 16.58 53.59
C LEU D 83 0.96 16.07 54.71
N CYS D 84 1.23 14.85 55.17
CA CYS D 84 0.55 14.29 56.33
C CYS D 84 1.00 14.97 57.61
N TYR D 85 2.30 15.24 57.68
CA TYR D 85 2.89 15.97 58.80
C TYR D 85 2.24 17.34 58.91
N PHE D 86 2.29 18.08 57.82
CA PHE D 86 1.70 19.42 57.74
C PHE D 86 0.22 19.44 58.15
N ASN D 87 -0.50 18.38 57.79
CA ASN D 87 -1.90 18.23 58.19
C ASN D 87 -2.05 18.05 59.70
N TYR D 88 -1.11 17.30 60.27
CA TYR D 88 -1.13 16.93 61.68
C TYR D 88 -0.52 18.04 62.56
N HIS D 89 0.78 18.26 62.40
CA HIS D 89 1.54 19.19 63.25
C HIS D 89 1.63 20.62 62.70
N ASP D 90 0.71 20.98 61.82
CA ASP D 90 0.63 22.35 61.34
C ASP D 90 -0.78 22.67 60.85
N VAL D 91 -0.89 23.79 60.14
CA VAL D 91 -2.15 24.37 59.71
C VAL D 91 -3.15 23.40 59.08
N GLY D 92 -2.69 22.55 58.18
CA GLY D 92 -3.56 21.74 57.32
C GLY D 92 -3.72 22.46 56.00
N ILE D 93 -3.63 21.73 54.89
CA ILE D 93 -3.47 22.36 53.56
C ILE D 93 -4.64 23.22 53.07
N CYS D 94 -5.86 22.93 53.56
CA CYS D 94 -7.03 23.74 53.22
C CYS D 94 -6.93 25.16 53.80
N LYS D 95 -6.52 25.25 55.05
CA LYS D 95 -6.34 26.54 55.73
C LYS D 95 -5.03 27.21 55.29
N ALA D 96 -4.04 26.40 54.93
CA ALA D 96 -2.76 26.92 54.45
C ALA D 96 -2.92 27.66 53.13
N VAL D 97 -3.88 27.22 52.33
CA VAL D 97 -4.23 27.89 51.07
C VAL D 97 -5.02 29.16 51.36
N ALA D 98 -5.96 29.06 52.30
CA ALA D 98 -6.78 30.20 52.72
C ALA D 98 -5.92 31.36 53.22
N MET D 99 -5.02 31.04 54.17
CA MET D 99 -4.07 32.00 54.74
C MET D 99 -3.16 32.63 53.70
N LEU D 100 -2.68 31.80 52.77
CA LEU D 100 -1.79 32.25 51.70
C LEU D 100 -2.50 33.18 50.75
N TRP D 101 -3.78 32.94 50.51
CA TRP D 101 -4.53 33.66 49.47
C TRP D 101 -4.93 35.07 49.88
N LYS D 102 -5.39 35.23 51.12
CA LYS D 102 -5.63 36.56 51.68
C LYS D 102 -4.29 37.24 51.99
N LEU D 103 -3.72 37.87 50.97
CA LEU D 103 -2.35 38.40 51.02
C LEU D 103 -2.06 39.29 49.81
#